data_6G8G
#
_entry.id   6G8G
#
_cell.length_a   119.044
_cell.length_b   119.044
_cell.length_c   78.305
_cell.angle_alpha   90.00
_cell.angle_beta   90.00
_cell.angle_gamma   90.00
#
_symmetry.space_group_name_H-M   'P 43'
#
loop_
_entity.id
_entity.type
_entity.pdbx_description
1 polymer 'TetR/AcrR family transcriptional regulator'
2 non-polymer '2-[N-CYCLOHEXYLAMINO]ETHANE SULFONIC ACID'
3 non-polymer GENISTEIN
#
_entity_poly.entity_id   1
_entity_poly.type   'polypeptide(L)'
_entity_poly.pdbx_seq_one_letter_code
;GH(MSE)IETIAHPVHEKESAPAGRK(MSE)DIVIRAAWQLFLEQGFSATS(MSE)DAIAKAAGVSKATLYAYFPSKEAL
FASLIVAECESLQRDLPVPKLSAGLSEALRDFARQYLHTFIHRKDVAFVRIIANESGRFPVLARLFYESGPEATIRRLAQ
FLEEARAARVLEFDDP(MSE)EAANQFLSLVRGELPLLIVLGLSDLTEEAIEQEIEAGLKFFLKACQPRA
;
_entity_poly.pdbx_strand_id   A,B,C,D
#
# COMPACT_ATOMS: atom_id res chain seq x y z
N ALA A 19 -41.88 34.35 35.69
CA ALA A 19 -41.28 33.04 35.28
C ALA A 19 -40.35 32.42 36.38
N GLY A 20 -40.02 31.14 36.19
CA GLY A 20 -38.96 30.43 36.91
C GLY A 20 -38.17 29.64 35.86
N ARG A 21 -37.91 30.30 34.74
CA ARG A 21 -37.09 29.76 33.65
C ARG A 21 -35.59 29.74 33.99
N LYS A 22 -35.15 30.54 34.97
CA LYS A 22 -33.87 30.36 35.73
C LYS A 22 -33.28 28.97 35.53
N ASP A 24 -33.19 27.45 32.85
CA ASP A 24 -32.34 27.49 31.66
C ASP A 24 -30.99 28.16 31.93
N ILE A 25 -30.96 29.20 32.73
CA ILE A 25 -29.68 29.84 33.06
C ILE A 25 -28.78 28.85 33.76
N VAL A 26 -29.36 28.08 34.67
CA VAL A 26 -28.63 27.04 35.40
C VAL A 26 -28.11 25.99 34.44
N ILE A 27 -28.97 25.52 33.55
CA ILE A 27 -28.58 24.58 32.52
C ILE A 27 -27.36 25.07 31.75
N ARG A 28 -27.42 26.29 31.23
CA ARG A 28 -26.30 26.79 30.42
C ARG A 28 -25.04 26.93 31.26
N ALA A 29 -25.20 27.30 32.51
CA ALA A 29 -24.03 27.46 33.37
C ALA A 29 -23.36 26.10 33.66
N ALA A 30 -24.18 25.08 33.81
CA ALA A 30 -23.69 23.76 34.13
C ALA A 30 -23.02 23.19 32.92
N TRP A 31 -23.60 23.42 31.77
CA TRP A 31 -23.00 22.94 30.53
C TRP A 31 -21.58 23.51 30.42
N GLN A 32 -21.46 24.81 30.61
CA GLN A 32 -20.18 25.49 30.54
C GLN A 32 -19.16 24.82 31.46
N LEU A 33 -19.51 24.57 32.70
CA LEU A 33 -18.56 23.99 33.63
C LEU A 33 -18.21 22.54 33.31
N PHE A 34 -19.20 21.77 32.89
CA PHE A 34 -18.95 20.40 32.57
C PHE A 34 -17.93 20.33 31.44
N LEU A 35 -18.03 21.23 30.46
CA LEU A 35 -17.06 21.12 29.38
C LEU A 35 -15.74 21.78 29.73
N GLU A 36 -15.73 22.82 30.57
CA GLU A 36 -14.45 23.36 31.09
C GLU A 36 -13.70 22.31 31.92
N GLN A 37 -14.38 21.73 32.90
CA GLN A 37 -13.75 20.96 33.97
C GLN A 37 -14.06 19.48 34.05
N GLY A 38 -15.06 19.01 33.32
CA GLY A 38 -15.53 17.64 33.51
C GLY A 38 -16.71 17.58 34.48
N PHE A 39 -17.37 16.44 34.46
CA PHE A 39 -18.57 16.26 35.24
C PHE A 39 -18.26 16.12 36.73
N SER A 40 -17.40 15.17 37.08
CA SER A 40 -17.02 14.96 38.49
C SER A 40 -16.30 16.15 39.15
N ALA A 41 -15.49 16.84 38.38
CA ALA A 41 -14.81 18.02 38.88
C ALA A 41 -15.73 19.25 39.09
N THR A 42 -16.97 19.20 38.63
CA THR A 42 -17.83 20.35 38.77
C THR A 42 -18.73 20.09 39.96
N SER A 43 -18.86 21.04 40.87
CA SER A 43 -19.71 20.87 42.04
C SER A 43 -20.99 21.69 41.95
N ASP A 45 -22.07 23.45 44.09
CA ASP A 45 -21.72 24.73 44.63
C ASP A 45 -21.26 25.71 43.56
N ALA A 46 -20.33 25.27 42.71
CA ALA A 46 -19.81 26.09 41.61
C ALA A 46 -20.91 26.48 40.62
N ILE A 47 -21.84 25.54 40.39
CA ILE A 47 -22.92 25.74 39.43
C ILE A 47 -23.85 26.83 39.92
N ALA A 48 -24.18 26.76 41.22
CA ALA A 48 -25.02 27.77 41.80
C ALA A 48 -24.39 29.14 41.65
N LYS A 49 -23.11 29.26 41.96
CA LYS A 49 -22.44 30.55 41.89
C LYS A 49 -22.45 31.07 40.46
N ALA A 50 -22.09 30.21 39.51
CA ALA A 50 -22.01 30.64 38.13
C ALA A 50 -23.38 31.04 37.58
N ALA A 51 -24.45 30.41 38.06
CA ALA A 51 -25.79 30.78 37.60
C ALA A 51 -26.42 31.91 38.39
N GLY A 52 -25.87 32.23 39.56
CA GLY A 52 -26.35 33.32 40.38
C GLY A 52 -27.63 33.00 41.14
N VAL A 53 -27.64 31.84 41.79
CA VAL A 53 -28.77 31.41 42.59
C VAL A 53 -28.27 30.81 43.88
N SER A 54 -29.17 30.64 44.85
CA SER A 54 -28.81 29.98 46.08
C SER A 54 -28.82 28.49 45.83
N LYS A 55 -28.06 27.77 46.63
CA LYS A 55 -28.18 26.32 46.63
C LYS A 55 -29.62 25.85 46.82
N ALA A 56 -30.39 26.56 47.63
CA ALA A 56 -31.77 26.15 47.87
C ALA A 56 -32.53 26.13 46.56
N THR A 57 -32.38 27.23 45.81
CA THR A 57 -33.07 27.41 44.54
C THR A 57 -32.65 26.29 43.59
N LEU A 58 -31.36 26.06 43.52
CA LEU A 58 -30.80 25.05 42.66
C LEU A 58 -31.29 23.63 42.93
N TYR A 59 -31.19 23.24 44.18
CA TYR A 59 -31.63 21.92 44.60
C TYR A 59 -33.15 21.73 44.58
N ALA A 60 -33.90 22.83 44.64
CA ALA A 60 -35.35 22.78 44.36
C ALA A 60 -35.68 22.38 42.92
N TYR A 61 -34.87 22.83 41.96
CA TYR A 61 -35.11 22.46 40.56
C TYR A 61 -34.50 21.15 40.22
N PHE A 62 -33.36 20.85 40.81
CA PHE A 62 -32.66 19.64 40.46
C PHE A 62 -32.23 18.90 41.72
N PRO A 63 -32.69 17.67 41.89
CA PRO A 63 -32.32 16.91 43.06
C PRO A 63 -30.83 16.65 43.17
N SER A 64 -30.13 16.55 42.06
CA SER A 64 -28.72 16.24 42.11
C SER A 64 -28.00 16.66 40.85
N LYS A 65 -26.69 16.63 40.92
CA LYS A 65 -25.85 16.88 39.78
C LYS A 65 -26.17 15.91 38.61
N GLU A 66 -26.31 14.62 38.94
CA GLU A 66 -26.69 13.60 37.96
C GLU A 66 -28.00 14.00 37.28
N ALA A 67 -28.97 14.45 38.06
CA ALA A 67 -30.25 14.85 37.46
C ALA A 67 -30.07 16.05 36.51
N LEU A 68 -29.19 16.95 36.87
CA LEU A 68 -28.94 18.11 36.03
C LEU A 68 -28.36 17.70 34.69
N PHE A 69 -27.42 16.77 34.71
CA PHE A 69 -26.79 16.31 33.48
C PHE A 69 -27.74 15.50 32.61
N ALA A 70 -28.61 14.73 33.26
CA ALA A 70 -29.65 14.03 32.55
C ALA A 70 -30.55 14.99 31.79
N SER A 71 -30.92 16.12 32.38
CA SER A 71 -31.71 17.13 31.63
C SER A 71 -30.96 17.67 30.43
N LEU A 72 -29.65 17.87 30.59
CA LEU A 72 -28.86 18.39 29.49
C LEU A 72 -28.82 17.40 28.37
N ILE A 73 -28.59 16.15 28.73
CA ILE A 73 -28.61 15.07 27.75
C ILE A 73 -29.92 14.97 27.01
N VAL A 74 -31.03 14.86 27.74
CA VAL A 74 -32.30 14.70 27.06
C VAL A 74 -32.57 15.88 26.15
N ALA A 75 -32.20 17.07 26.58
CA ALA A 75 -32.48 18.27 25.79
C ALA A 75 -31.67 18.28 24.49
N GLU A 76 -30.39 17.98 24.58
CA GLU A 76 -29.58 17.99 23.36
C GLU A 76 -29.89 16.86 22.42
N CYS A 77 -30.19 15.69 22.94
CA CYS A 77 -30.63 14.61 22.10
C CYS A 77 -31.98 14.89 21.42
N GLU A 78 -32.99 15.46 22.11
CA GLU A 78 -34.28 15.76 21.44
C GLU A 78 -34.04 16.71 20.28
N SER A 79 -33.10 17.62 20.49
CA SER A 79 -32.81 18.66 19.51
C SER A 79 -32.19 18.10 18.23
N LEU A 80 -31.14 17.29 18.40
CA LEU A 80 -30.52 16.53 17.26
C LEU A 80 -31.51 15.67 16.50
N GLN A 81 -32.45 15.07 17.22
CA GLN A 81 -33.49 14.26 16.58
C GLN A 81 -34.47 15.02 15.68
N ARG A 82 -34.71 16.30 15.99
CA ARG A 82 -35.61 17.12 15.16
C ARG A 82 -34.96 17.56 13.87
N ASP A 83 -33.64 17.61 13.85
CA ASP A 83 -32.93 17.88 12.60
C ASP A 83 -32.95 16.70 11.64
N LEU A 84 -33.54 15.58 12.02
CA LEU A 84 -33.53 14.44 11.12
C LEU A 84 -34.86 14.45 10.42
N PRO A 85 -34.90 14.14 9.10
CA PRO A 85 -36.21 14.07 8.45
C PRO A 85 -37.02 12.88 8.90
N VAL A 86 -38.33 12.96 8.65
CA VAL A 86 -39.18 11.78 8.75
C VAL A 86 -39.33 11.26 7.31
N PRO A 87 -38.71 10.13 7.00
CA PRO A 87 -38.61 9.72 5.64
C PRO A 87 -39.94 9.19 5.14
N LYS A 88 -40.26 9.49 3.87
CA LYS A 88 -41.57 9.22 3.29
C LYS A 88 -41.41 8.42 2.02
N LEU A 89 -42.15 7.34 1.95
CA LEU A 89 -42.11 6.47 0.81
C LEU A 89 -42.54 7.17 -0.46
N SER A 90 -43.49 8.09 -0.35
CA SER A 90 -43.97 8.86 -1.53
C SER A 90 -42.86 9.54 -2.32
N ALA A 91 -41.77 9.90 -1.64
CA ALA A 91 -40.62 10.59 -2.25
C ALA A 91 -39.75 9.68 -3.12
N GLY A 92 -39.97 8.37 -3.05
CA GLY A 92 -39.06 7.40 -3.61
C GLY A 92 -38.25 6.77 -2.48
N LEU A 93 -38.09 5.46 -2.54
CA LEU A 93 -37.29 4.74 -1.57
C LEU A 93 -35.86 5.27 -1.47
N SER A 94 -35.15 5.29 -2.59
CA SER A 94 -33.78 5.79 -2.60
C SER A 94 -33.65 7.23 -2.09
N GLU A 95 -34.49 8.13 -2.57
CA GLU A 95 -34.35 9.54 -2.20
C GLU A 95 -34.63 9.75 -0.74
N ALA A 96 -35.51 8.93 -0.20
CA ALA A 96 -35.85 9.06 1.20
C ALA A 96 -34.68 8.63 2.08
N LEU A 97 -34.08 7.50 1.75
CA LEU A 97 -32.94 7.03 2.47
C LEU A 97 -31.77 7.97 2.27
N ARG A 98 -31.62 8.44 1.05
CA ARG A 98 -30.49 9.24 0.71
C ARG A 98 -30.59 10.49 1.54
N ASP A 99 -31.80 11.01 1.70
CA ASP A 99 -31.98 12.24 2.46
C ASP A 99 -31.70 12.02 3.97
N PHE A 100 -32.17 10.88 4.49
CA PHE A 100 -31.96 10.58 5.88
C PHE A 100 -30.47 10.42 6.15
N ALA A 101 -29.81 9.67 5.27
CA ALA A 101 -28.38 9.51 5.38
C ALA A 101 -27.68 10.86 5.40
N ARG A 102 -28.04 11.72 4.48
CA ARG A 102 -27.36 13.01 4.40
C ARG A 102 -27.47 13.75 5.71
N GLN A 103 -28.63 13.75 6.34
CA GLN A 103 -28.78 14.52 7.58
C GLN A 103 -28.02 13.85 8.70
N TYR A 104 -27.99 12.52 8.68
CA TYR A 104 -27.25 11.73 9.68
C TYR A 104 -25.77 12.04 9.66
N LEU A 105 -25.17 12.10 8.50
CA LEU A 105 -23.77 12.41 8.42
C LEU A 105 -23.47 13.84 8.80
N HIS A 106 -24.39 14.75 8.56
CA HIS A 106 -24.17 16.14 8.94
C HIS A 106 -23.72 16.22 10.41
N THR A 107 -24.40 15.45 11.24
CA THR A 107 -24.06 15.43 12.66
C THR A 107 -22.62 15.11 12.90
N PHE A 108 -22.13 14.12 12.22
CA PHE A 108 -20.75 13.71 12.45
C PHE A 108 -19.77 14.72 11.95
N ILE A 109 -20.04 15.21 10.75
CA ILE A 109 -19.11 16.12 10.08
C ILE A 109 -18.96 17.42 10.88
N HIS A 110 -20.06 17.93 11.45
CA HIS A 110 -20.00 19.15 12.23
C HIS A 110 -19.84 18.86 13.71
N ARG A 111 -19.46 17.65 14.02
CA ARG A 111 -19.08 17.28 15.37
C ARG A 111 -20.06 17.76 16.40
N LYS A 112 -21.34 17.48 16.17
CA LYS A 112 -22.37 17.92 17.09
C LYS A 112 -22.56 16.99 18.30
N ASP A 113 -21.89 15.83 18.35
CA ASP A 113 -22.08 14.80 19.40
C ASP A 113 -20.87 14.85 20.34
N VAL A 114 -19.84 15.58 19.93
CA VAL A 114 -18.49 15.28 20.41
C VAL A 114 -18.19 15.73 21.84
N ALA A 115 -18.61 16.94 22.18
CA ALA A 115 -18.50 17.42 23.54
C ALA A 115 -19.15 16.47 24.53
N PHE A 116 -20.39 16.05 24.25
CA PHE A 116 -21.09 15.11 25.14
C PHE A 116 -20.35 13.83 25.33
N VAL A 117 -19.89 13.30 24.22
CA VAL A 117 -19.22 12.03 24.28
C VAL A 117 -17.92 12.19 25.05
N ARG A 118 -17.27 13.33 24.87
CA ARG A 118 -16.04 13.56 25.57
C ARG A 118 -16.31 13.55 27.06
N ILE A 119 -17.31 14.31 27.46
CA ILE A 119 -17.64 14.43 28.87
C ILE A 119 -17.98 13.09 29.49
N ILE A 120 -18.79 12.27 28.81
CA ILE A 120 -19.14 10.97 29.33
C ILE A 120 -17.95 9.97 29.34
N ALA A 121 -17.20 9.95 28.25
CA ALA A 121 -16.07 9.05 28.14
C ALA A 121 -15.02 9.33 29.20
N ASN A 122 -14.86 10.59 29.55
CA ASN A 122 -13.81 11.00 30.45
C ASN A 122 -14.17 10.58 31.88
N GLU A 123 -15.40 10.10 32.07
CA GLU A 123 -15.80 9.53 33.34
C GLU A 123 -15.39 8.06 33.51
N SER A 124 -14.83 7.45 32.48
CA SER A 124 -14.22 6.12 32.61
C SER A 124 -15.21 5.11 33.24
N GLY A 125 -16.48 5.20 32.84
CA GLY A 125 -17.47 4.22 33.21
C GLY A 125 -18.05 4.35 34.61
N ARG A 126 -17.85 5.45 35.30
CA ARG A 126 -18.43 5.60 36.63
C ARG A 126 -19.88 6.08 36.64
N PHE A 127 -20.44 6.41 35.48
CA PHE A 127 -21.82 6.86 35.44
C PHE A 127 -22.57 6.12 34.36
N PRO A 128 -22.69 4.79 34.49
CA PRO A 128 -23.31 3.96 33.43
C PRO A 128 -24.74 4.29 33.13
N VAL A 129 -25.47 4.78 34.13
CA VAL A 129 -26.86 5.11 33.87
C VAL A 129 -26.98 6.33 32.95
N LEU A 130 -26.19 7.36 33.19
CA LEU A 130 -26.15 8.49 32.28
C LEU A 130 -25.62 8.09 30.90
N ALA A 131 -24.63 7.23 30.86
CA ALA A 131 -24.05 6.83 29.59
C ALA A 131 -25.13 6.12 28.77
N ARG A 132 -25.91 5.28 29.42
CA ARG A 132 -26.97 4.58 28.67
C ARG A 132 -28.09 5.51 28.30
N LEU A 133 -28.37 6.46 29.17
CA LEU A 133 -29.39 7.45 28.85
C LEU A 133 -29.02 8.19 27.56
N PHE A 134 -27.77 8.56 27.42
CA PHE A 134 -27.31 9.22 26.23
C PHE A 134 -27.47 8.31 25.02
N TYR A 135 -26.97 7.09 25.14
CA TYR A 135 -27.08 6.13 24.05
C TYR A 135 -28.52 5.94 23.57
N GLU A 136 -29.46 5.76 24.50
CA GLU A 136 -30.86 5.46 24.14
C GLU A 136 -31.62 6.67 23.64
N SER A 137 -31.18 7.85 24.03
CA SER A 137 -31.84 9.10 23.62
C SER A 137 -31.34 9.61 22.28
N GLY A 138 -30.11 9.25 21.93
CA GLY A 138 -29.49 9.74 20.68
C GLY A 138 -29.34 8.65 19.61
N PRO A 139 -28.20 7.98 19.58
CA PRO A 139 -27.92 6.94 18.63
C PRO A 139 -29.03 5.91 18.50
N GLU A 140 -29.50 5.35 19.61
CA GLU A 140 -30.53 4.32 19.49
C GLU A 140 -31.81 4.93 18.97
N ALA A 141 -32.06 6.18 19.32
CA ALA A 141 -33.27 6.85 18.84
C ALA A 141 -33.25 6.98 17.33
N THR A 142 -32.10 7.34 16.80
CA THR A 142 -31.93 7.40 15.38
C THR A 142 -32.23 6.06 14.72
N ILE A 143 -31.69 4.99 15.29
CA ILE A 143 -32.00 3.68 14.75
C ILE A 143 -33.52 3.41 14.74
N ARG A 144 -34.21 3.69 15.84
CA ARG A 144 -35.64 3.46 15.92
C ARG A 144 -36.43 4.23 14.89
N ARG A 145 -36.10 5.49 14.65
CA ARG A 145 -36.80 6.27 13.63
C ARG A 145 -36.67 5.66 12.29
N LEU A 146 -35.46 5.25 11.95
CA LEU A 146 -35.23 4.69 10.64
C LEU A 146 -35.94 3.37 10.55
N ALA A 147 -35.91 2.62 11.64
CA ALA A 147 -36.51 1.31 11.65
C ALA A 147 -37.98 1.44 11.34
N GLN A 148 -38.63 2.45 11.87
CA GLN A 148 -40.06 2.59 11.58
C GLN A 148 -40.28 2.87 10.11
N PHE A 149 -39.44 3.67 9.50
CA PHE A 149 -39.54 3.84 8.05
C PHE A 149 -39.30 2.51 7.31
N LEU A 150 -38.32 1.73 7.76
CA LEU A 150 -38.03 0.50 7.06
C LEU A 150 -39.20 -0.49 7.20
N GLU A 151 -39.96 -0.45 8.29
CA GLU A 151 -41.14 -1.32 8.39
C GLU A 151 -42.15 -1.01 7.31
N GLU A 152 -42.33 0.28 7.03
CA GLU A 152 -43.26 0.72 6.00
C GLU A 152 -42.81 0.23 4.65
N ALA A 153 -41.52 0.40 4.36
CA ALA A 153 -40.95 -0.07 3.10
C ALA A 153 -41.09 -1.59 2.95
N ARG A 154 -40.92 -2.32 4.04
CA ARG A 154 -41.12 -3.77 3.96
C ARG A 154 -42.58 -4.13 3.73
N ALA A 155 -43.49 -3.45 4.43
CA ALA A 155 -44.92 -3.66 4.26
C ALA A 155 -45.34 -3.35 2.82
N ALA A 156 -44.68 -2.37 2.19
CA ALA A 156 -44.94 -2.06 0.79
C ALA A 156 -44.19 -2.97 -0.19
N ARG A 157 -43.49 -3.98 0.33
CA ARG A 157 -42.82 -5.00 -0.50
C ARG A 157 -41.65 -4.49 -1.31
N VAL A 158 -41.09 -3.37 -0.94
CA VAL A 158 -39.98 -2.78 -1.68
C VAL A 158 -38.59 -3.03 -1.00
N LEU A 159 -38.62 -3.54 0.22
CA LEU A 159 -37.45 -4.14 0.89
C LEU A 159 -37.83 -5.44 1.59
N GLU A 160 -36.84 -6.34 1.77
CA GLU A 160 -37.03 -7.53 2.61
C GLU A 160 -35.87 -7.75 3.57
N PHE A 161 -36.24 -8.11 4.80
CA PHE A 161 -35.31 -8.29 5.91
C PHE A 161 -36.14 -8.80 7.09
N ASP A 162 -35.50 -9.44 8.06
CA ASP A 162 -36.24 -10.05 9.18
C ASP A 162 -36.53 -9.06 10.29
N ASP A 163 -35.56 -8.22 10.66
CA ASP A 163 -35.73 -7.28 11.80
C ASP A 163 -35.38 -5.83 11.41
N PRO A 164 -36.31 -4.92 11.62
CA PRO A 164 -36.14 -3.53 11.19
C PRO A 164 -35.05 -2.75 11.92
N GLU A 166 -32.27 -4.18 13.25
CA GLU A 166 -31.07 -4.74 12.71
C GLU A 166 -30.80 -4.07 11.38
N ALA A 167 -31.82 -3.94 10.54
CA ALA A 167 -31.61 -3.38 9.20
C ALA A 167 -31.26 -1.92 9.26
N ALA A 168 -31.90 -1.21 10.16
CA ALA A 168 -31.60 0.20 10.32
C ALA A 168 -30.15 0.35 10.73
N ASN A 169 -29.73 -0.45 11.69
CA ASN A 169 -28.38 -0.35 12.19
C ASN A 169 -27.36 -0.69 11.10
N GLN A 170 -27.73 -1.58 10.22
CA GLN A 170 -26.85 -1.97 9.15
C GLN A 170 -26.72 -0.86 8.15
N PHE A 171 -27.82 -0.23 7.83
CA PHE A 171 -27.80 0.91 6.92
C PHE A 171 -26.89 2.01 7.44
N LEU A 172 -27.02 2.31 8.71
CA LEU A 172 -26.26 3.38 9.32
C LEU A 172 -24.79 3.01 9.45
N SER A 173 -24.49 1.79 9.85
CA SER A 173 -23.09 1.34 9.82
C SER A 173 -22.47 1.44 8.43
N LEU A 174 -23.21 1.14 7.38
CA LEU A 174 -22.66 1.23 6.04
C LEU A 174 -22.33 2.65 5.64
N VAL A 175 -23.25 3.55 5.90
CA VAL A 175 -23.18 4.92 5.44
C VAL A 175 -22.14 5.66 6.25
N ARG A 176 -22.12 5.35 7.53
CA ARG A 176 -21.19 5.96 8.47
C ARG A 176 -19.80 5.46 8.19
N GLY A 177 -19.71 4.16 7.95
CA GLY A 177 -18.46 3.46 7.74
C GLY A 177 -17.37 3.87 8.70
N GLU A 178 -16.41 4.53 8.12
CA GLU A 178 -15.13 4.78 8.71
C GLU A 178 -15.02 6.26 9.11
N LEU A 179 -16.02 7.08 8.76
CA LEU A 179 -15.85 8.51 8.82
C LEU A 179 -15.70 9.00 10.22
N PRO A 180 -16.40 8.40 11.15
CA PRO A 180 -16.27 8.92 12.50
C PRO A 180 -14.82 8.90 12.96
N LEU A 181 -14.13 7.80 12.63
CA LEU A 181 -12.73 7.64 12.94
C LEU A 181 -11.86 8.65 12.22
N LEU A 182 -12.05 8.78 10.92
CA LEU A 182 -11.31 9.77 10.16
C LEU A 182 -11.49 11.21 10.72
N ILE A 183 -12.70 11.55 11.11
CA ILE A 183 -12.99 12.87 11.61
C ILE A 183 -12.26 13.13 12.89
N VAL A 184 -12.45 12.22 13.82
CA VAL A 184 -11.79 12.24 15.09
C VAL A 184 -10.26 12.36 14.99
N LEU A 185 -9.65 11.69 14.02
CA LEU A 185 -8.20 11.78 13.82
C LEU A 185 -7.80 13.07 13.15
N GLY A 186 -8.78 13.77 12.60
CA GLY A 186 -8.54 15.00 11.90
C GLY A 186 -8.03 14.74 10.49
N LEU A 187 -8.47 13.66 9.87
CA LEU A 187 -8.06 13.36 8.51
C LEU A 187 -9.17 13.50 7.49
N SER A 188 -10.37 13.87 7.94
CA SER A 188 -11.51 14.09 7.06
C SER A 188 -11.76 15.57 6.77
N ASP A 189 -11.85 15.91 5.50
CA ASP A 189 -12.44 17.19 5.10
C ASP A 189 -13.39 16.80 3.97
N LEU A 190 -14.68 16.91 4.22
CA LEU A 190 -15.65 16.34 3.30
C LEU A 190 -16.44 17.40 2.59
N THR A 191 -16.11 17.58 1.32
CA THR A 191 -16.91 18.35 0.41
C THR A 191 -18.29 17.69 0.26
N GLU A 192 -19.28 18.48 -0.11
CA GLU A 192 -20.62 17.97 -0.42
C GLU A 192 -20.56 16.78 -1.36
N GLU A 193 -19.67 16.84 -2.34
CA GLU A 193 -19.58 15.79 -3.34
C GLU A 193 -19.10 14.49 -2.72
N ALA A 194 -18.10 14.61 -1.87
CA ALA A 194 -17.50 13.44 -1.22
C ALA A 194 -18.54 12.77 -0.33
N ILE A 195 -19.40 13.58 0.27
CA ILE A 195 -20.47 13.05 1.10
C ILE A 195 -21.48 12.31 0.29
N GLU A 196 -21.85 12.85 -0.87
CA GLU A 196 -22.80 12.14 -1.73
C GLU A 196 -22.25 10.79 -2.11
N GLN A 197 -20.92 10.71 -2.33
CA GLN A 197 -20.29 9.46 -2.73
C GLN A 197 -20.32 8.45 -1.59
N GLU A 198 -20.09 8.91 -0.38
CA GLU A 198 -20.16 8.06 0.81
C GLU A 198 -21.53 7.44 0.98
N ILE A 199 -22.53 8.27 0.76
CA ILE A 199 -23.90 7.84 0.89
C ILE A 199 -24.30 6.90 -0.21
N GLU A 200 -23.91 7.23 -1.44
CA GLU A 200 -24.33 6.45 -2.57
C GLU A 200 -23.75 5.05 -2.44
N ALA A 201 -22.50 4.95 -1.98
CA ALA A 201 -21.86 3.65 -1.81
C ALA A 201 -22.58 2.77 -0.78
N GLY A 202 -22.94 3.37 0.36
CA GLY A 202 -23.64 2.67 1.44
C GLY A 202 -25.04 2.24 1.07
N LEU A 203 -25.73 3.11 0.38
CA LEU A 203 -27.08 2.86 -0.07
C LEU A 203 -27.10 1.79 -1.14
N LYS A 204 -26.20 1.89 -2.10
CA LYS A 204 -26.15 0.95 -3.20
C LYS A 204 -26.06 -0.43 -2.61
N PHE A 205 -25.23 -0.56 -1.60
CA PHE A 205 -24.95 -1.85 -0.99
C PHE A 205 -26.14 -2.34 -0.18
N PHE A 206 -26.68 -1.44 0.63
CA PHE A 206 -27.86 -1.75 1.41
C PHE A 206 -28.98 -2.28 0.53
N LEU A 207 -29.16 -1.65 -0.63
CA LEU A 207 -30.21 -2.07 -1.54
C LEU A 207 -29.86 -3.41 -2.25
N LYS A 208 -28.59 -3.62 -2.65
CA LYS A 208 -28.17 -4.93 -3.16
C LYS A 208 -28.59 -6.01 -2.19
N ALA A 209 -28.41 -5.82 -0.90
CA ALA A 209 -28.82 -6.85 0.04
C ALA A 209 -30.33 -6.95 0.35
N CYS A 210 -31.11 -5.87 0.24
CA CYS A 210 -32.50 -5.88 0.73
C CYS A 210 -33.59 -5.72 -0.31
N GLN A 211 -33.25 -5.31 -1.53
CA GLN A 211 -34.24 -5.23 -2.59
C GLN A 211 -34.55 -6.61 -3.06
N PRO A 212 -35.84 -6.89 -3.31
CA PRO A 212 -36.19 -8.17 -3.91
C PRO A 212 -35.60 -8.28 -5.33
N ARG A 213 -35.04 -9.44 -5.66
CA ARG A 213 -34.09 -9.60 -6.79
C ARG A 213 -32.95 -8.53 -6.78
N GLY B 20 19.16 -1.40 23.45
CA GLY B 20 19.27 -2.07 24.78
C GLY B 20 17.95 -2.51 25.42
N ARG B 21 18.01 -2.96 26.68
CA ARG B 21 16.78 -3.23 27.45
C ARG B 21 16.12 -1.94 27.97
N LYS B 22 16.90 -0.86 28.09
CA LYS B 22 16.33 0.45 28.35
C LYS B 22 15.34 0.90 27.30
N ASP B 24 13.07 -0.64 25.76
CA ASP B 24 11.73 -1.16 26.08
C ASP B 24 11.19 -0.56 27.38
N ILE B 25 12.04 -0.33 28.36
CA ILE B 25 11.59 0.32 29.60
C ILE B 25 11.07 1.71 29.31
N VAL B 26 11.78 2.43 28.45
CA VAL B 26 11.35 3.76 28.02
C VAL B 26 10.00 3.67 27.33
N ILE B 27 9.88 2.74 26.39
CA ILE B 27 8.65 2.54 25.65
C ILE B 27 7.49 2.35 26.63
N ARG B 28 7.63 1.42 27.58
CA ARG B 28 6.53 1.13 28.51
C ARG B 28 6.24 2.35 29.37
N ALA B 29 7.27 3.11 29.74
CA ALA B 29 7.04 4.31 30.56
C ALA B 29 6.31 5.41 29.80
N ALA B 30 6.63 5.56 28.52
CA ALA B 30 6.00 6.53 27.70
C ALA B 30 4.56 6.16 27.44
N TRP B 31 4.31 4.88 27.19
CA TRP B 31 2.97 4.45 26.92
C TRP B 31 2.09 4.83 28.09
N GLN B 32 2.57 4.50 29.28
CA GLN B 32 1.86 4.78 30.51
C GLN B 32 1.46 6.24 30.59
N LEU B 33 2.41 7.13 30.36
CA LEU B 33 2.13 8.56 30.46
C LEU B 33 1.21 9.07 29.36
N PHE B 34 1.38 8.60 28.14
CA PHE B 34 0.55 9.05 27.05
C PHE B 34 -0.89 8.71 27.36
N LEU B 35 -1.11 7.56 27.98
CA LEU B 35 -2.45 7.17 28.26
C LEU B 35 -3.01 7.85 29.48
N GLU B 36 -2.19 8.06 30.50
CA GLU B 36 -2.63 8.81 31.66
C GLU B 36 -3.00 10.23 31.20
N GLN B 37 -2.07 10.91 30.51
CA GLN B 37 -2.08 12.38 30.37
C GLN B 37 -2.28 12.93 28.99
N GLY B 38 -2.15 12.10 27.97
CA GLY B 38 -2.13 12.60 26.60
C GLY B 38 -0.71 12.79 26.07
N PHE B 39 -0.62 12.98 24.76
CA PHE B 39 0.67 13.03 24.09
C PHE B 39 1.36 14.37 24.32
N SER B 40 0.69 15.47 23.98
CA SER B 40 1.27 16.78 24.23
C SER B 40 1.52 17.08 25.71
N ALA B 41 0.67 16.59 26.61
CA ALA B 41 0.86 16.80 28.04
C ALA B 41 1.98 15.99 28.67
N THR B 42 2.58 15.09 27.90
CA THR B 42 3.67 14.32 28.41
C THR B 42 4.95 14.88 27.82
N SER B 43 5.93 15.15 28.68
CA SER B 43 7.18 15.73 28.19
C SER B 43 8.28 14.68 28.15
N ASP B 45 11.00 15.15 29.25
CA ASP B 45 11.57 15.24 30.57
C ASP B 45 10.93 14.25 31.54
N ALA B 46 9.60 14.22 31.57
CA ALA B 46 8.84 13.29 32.42
C ALA B 46 9.14 11.83 32.07
N ILE B 47 9.31 11.57 30.77
CA ILE B 47 9.52 10.22 30.29
C ILE B 47 10.87 9.72 30.77
N ALA B 48 11.88 10.57 30.65
CA ALA B 48 13.20 10.20 31.09
C ALA B 48 13.16 9.85 32.56
N LYS B 49 12.50 10.68 33.38
CA LYS B 49 12.47 10.44 34.83
C LYS B 49 11.77 9.14 35.12
N ALA B 50 10.63 8.92 34.50
CA ALA B 50 9.85 7.73 34.77
C ALA B 50 10.58 6.47 34.33
N ALA B 51 11.40 6.56 33.29
CA ALA B 51 12.17 5.41 32.83
C ALA B 51 13.54 5.26 33.51
N GLY B 52 14.00 6.32 34.18
CA GLY B 52 15.25 6.28 34.93
C GLY B 52 16.48 6.39 34.05
N VAL B 53 16.47 7.33 33.12
CA VAL B 53 17.60 7.53 32.21
C VAL B 53 17.84 9.00 32.08
N SER B 54 19.00 9.36 31.55
CA SER B 54 19.31 10.76 31.31
C SER B 54 18.64 11.15 30.00
N LYS B 55 18.37 12.44 29.86
CA LYS B 55 17.89 12.97 28.61
C LYS B 55 18.83 12.61 27.48
N ALA B 56 20.13 12.58 27.75
CA ALA B 56 21.08 12.19 26.69
C ALA B 56 20.77 10.79 26.15
N THR B 57 20.60 9.85 27.06
CA THR B 57 20.33 8.47 26.72
C THR B 57 19.06 8.39 25.91
N LEU B 58 18.04 9.07 26.42
CA LEU B 58 16.72 9.06 25.79
C LEU B 58 16.73 9.58 24.36
N TYR B 59 17.34 10.74 24.19
CA TYR B 59 17.41 11.37 22.89
C TYR B 59 18.32 10.63 21.92
N ALA B 60 19.24 9.85 22.45
CA ALA B 60 20.04 8.96 21.60
C ALA B 60 19.21 7.85 20.97
N TYR B 61 18.25 7.31 21.73
CA TYR B 61 17.41 6.23 21.24
C TYR B 61 16.26 6.81 20.42
N PHE B 62 15.79 7.99 20.77
CA PHE B 62 14.69 8.62 20.03
C PHE B 62 14.96 10.08 19.78
N PRO B 63 15.03 10.47 18.50
CA PRO B 63 15.30 11.88 18.18
C PRO B 63 14.26 12.84 18.73
N SER B 64 13.02 12.40 18.89
CA SER B 64 11.97 13.27 19.39
C SER B 64 10.81 12.50 19.95
N LYS B 65 9.94 13.20 20.66
CA LYS B 65 8.74 12.63 21.22
C LYS B 65 7.90 12.03 20.09
N GLU B 66 7.77 12.77 18.98
CA GLU B 66 7.05 12.31 17.82
C GLU B 66 7.65 11.00 17.28
N ALA B 67 8.97 10.93 17.19
CA ALA B 67 9.60 9.69 16.77
C ALA B 67 9.29 8.53 17.74
N LEU B 68 9.28 8.80 19.04
CA LEU B 68 8.98 7.77 20.01
C LEU B 68 7.61 7.18 19.78
N PHE B 69 6.63 8.06 19.63
CA PHE B 69 5.24 7.63 19.48
C PHE B 69 5.06 6.91 18.15
N ALA B 70 5.74 7.36 17.11
CA ALA B 70 5.74 6.64 15.85
C ALA B 70 6.20 5.19 16.04
N SER B 71 7.27 4.96 16.80
CA SER B 71 7.75 3.60 17.03
C SER B 71 6.73 2.78 17.73
N LEU B 72 6.06 3.40 18.67
CA LEU B 72 5.06 2.74 19.45
C LEU B 72 3.90 2.31 18.52
N ILE B 73 3.45 3.24 17.69
CA ILE B 73 2.42 2.97 16.72
C ILE B 73 2.83 1.85 15.79
N VAL B 74 3.98 1.94 15.11
CA VAL B 74 4.33 0.90 14.13
C VAL B 74 4.48 -0.43 14.80
N ALA B 75 5.03 -0.48 15.99
CA ALA B 75 5.23 -1.74 16.72
C ALA B 75 3.91 -2.40 17.03
N GLU B 76 2.97 -1.65 17.61
CA GLU B 76 1.70 -2.25 17.96
C GLU B 76 0.91 -2.65 16.72
N CYS B 77 0.93 -1.80 15.71
CA CYS B 77 0.18 -2.09 14.51
C CYS B 77 0.78 -3.32 13.79
N GLU B 78 2.11 -3.48 13.68
CA GLU B 78 2.66 -4.71 13.02
C GLU B 78 2.24 -5.93 13.78
N SER B 79 2.20 -5.79 15.10
CA SER B 79 1.88 -6.87 15.98
C SER B 79 0.45 -7.33 15.75
N LEU B 80 -0.49 -6.39 15.84
CA LEU B 80 -1.90 -6.66 15.64
C LEU B 80 -2.11 -7.32 14.32
N GLN B 81 -1.35 -6.90 13.31
CA GLN B 81 -1.54 -7.39 11.97
C GLN B 81 -1.15 -8.83 11.86
N ARG B 82 -0.15 -9.31 12.60
CA ARG B 82 0.19 -10.75 12.51
C ARG B 82 -0.82 -11.61 13.31
N ASP B 83 -1.60 -11.05 14.25
CA ASP B 83 -2.71 -11.77 14.89
C ASP B 83 -3.96 -11.83 14.02
N LEU B 84 -3.92 -11.24 12.83
CA LEU B 84 -5.06 -11.38 11.96
C LEU B 84 -4.73 -12.52 11.03
N PRO B 85 -5.68 -13.41 10.78
CA PRO B 85 -5.35 -14.45 9.82
C PRO B 85 -5.14 -13.88 8.41
N VAL B 86 -4.45 -14.62 7.56
CA VAL B 86 -4.46 -14.31 6.14
C VAL B 86 -5.51 -15.26 5.63
N PRO B 87 -6.67 -14.72 5.24
CA PRO B 87 -7.79 -15.61 4.94
C PRO B 87 -7.52 -16.36 3.65
N LYS B 88 -7.93 -17.64 3.64
CA LYS B 88 -7.66 -18.50 2.53
C LYS B 88 -8.96 -19.01 2.01
N LEU B 89 -9.12 -18.90 0.71
CA LEU B 89 -10.32 -19.42 0.06
C LEU B 89 -10.47 -20.94 0.29
N SER B 90 -9.35 -21.67 0.35
CA SER B 90 -9.40 -23.12 0.57
C SER B 90 -10.16 -23.53 1.83
N ALA B 91 -10.21 -22.65 2.84
CA ALA B 91 -10.95 -22.89 4.09
C ALA B 91 -12.50 -22.74 3.98
N GLY B 92 -12.99 -22.23 2.85
CA GLY B 92 -14.40 -21.94 2.67
C GLY B 92 -14.56 -20.43 2.77
N LEU B 93 -15.41 -19.87 1.92
CA LEU B 93 -15.68 -18.46 1.91
C LEU B 93 -16.21 -17.93 3.23
N SER B 94 -17.32 -18.48 3.71
CA SER B 94 -17.89 -18.12 5.02
C SER B 94 -16.92 -18.30 6.20
N GLU B 95 -16.25 -19.45 6.30
CA GLU B 95 -15.38 -19.70 7.44
C GLU B 95 -14.21 -18.78 7.44
N ALA B 96 -13.72 -18.42 6.26
CA ALA B 96 -12.58 -17.54 6.18
C ALA B 96 -12.95 -16.15 6.68
N LEU B 97 -14.08 -15.64 6.22
CA LEU B 97 -14.57 -14.34 6.65
C LEU B 97 -14.94 -14.36 8.12
N ARG B 98 -15.59 -15.42 8.53
CA ARG B 98 -16.04 -15.51 9.90
C ARG B 98 -14.82 -15.45 10.78
N ASP B 99 -13.76 -16.12 10.38
CA ASP B 99 -12.59 -16.20 11.22
C ASP B 99 -11.91 -14.84 11.23
N PHE B 100 -11.87 -14.17 10.09
CA PHE B 100 -11.23 -12.85 10.01
C PHE B 100 -12.00 -11.86 10.87
N ALA B 101 -13.32 -11.88 10.72
CA ALA B 101 -14.15 -11.06 11.57
C ALA B 101 -13.89 -11.31 13.07
N ARG B 102 -13.86 -12.57 13.48
CA ARG B 102 -13.67 -12.87 14.87
C ARG B 102 -12.37 -12.28 15.38
N GLN B 103 -11.29 -12.37 14.61
CA GLN B 103 -10.03 -11.86 15.10
C GLN B 103 -10.06 -10.35 15.13
N TYR B 104 -10.74 -9.76 14.16
CA TYR B 104 -10.88 -8.29 14.08
C TYR B 104 -11.55 -7.73 15.32
N LEU B 105 -12.63 -8.35 15.76
CA LEU B 105 -13.32 -7.85 16.92
C LEU B 105 -12.58 -8.10 18.21
N HIS B 106 -11.82 -9.21 18.31
CA HIS B 106 -11.07 -9.49 19.53
C HIS B 106 -10.02 -8.42 19.68
N THR B 107 -9.49 -7.93 18.55
CA THR B 107 -8.51 -6.86 18.57
C THR B 107 -9.06 -5.48 18.97
N PHE B 108 -10.35 -5.20 18.80
CA PHE B 108 -10.90 -3.96 19.39
C PHE B 108 -10.86 -4.07 20.85
N ILE B 109 -11.43 -5.14 21.30
CA ILE B 109 -11.75 -5.27 22.67
C ILE B 109 -10.48 -5.40 23.49
N HIS B 110 -9.48 -6.13 22.99
CA HIS B 110 -8.32 -6.48 23.80
C HIS B 110 -7.01 -5.85 23.36
N ARG B 111 -7.06 -4.86 22.51
CA ARG B 111 -5.79 -4.25 22.05
C ARG B 111 -5.88 -2.73 22.05
N LYS B 112 -4.81 -2.10 21.60
CA LYS B 112 -4.61 -0.71 21.86
C LYS B 112 -5.29 0.25 20.86
N ASP B 113 -5.96 -0.25 19.84
CA ASP B 113 -6.64 0.64 18.90
C ASP B 113 -7.51 1.82 19.42
N VAL B 114 -8.47 1.59 20.31
CA VAL B 114 -9.28 2.71 20.86
C VAL B 114 -8.41 3.67 21.69
N ALA B 115 -7.50 3.12 22.50
CA ALA B 115 -6.56 3.92 23.27
C ALA B 115 -5.76 4.85 22.35
N PHE B 116 -5.21 4.29 21.28
CA PHE B 116 -4.42 5.05 20.33
C PHE B 116 -5.27 6.17 19.79
N VAL B 117 -6.52 5.86 19.42
CA VAL B 117 -7.37 6.87 18.79
C VAL B 117 -7.72 7.94 19.77
N ARG B 118 -7.90 7.53 21.02
CA ARG B 118 -8.21 8.49 22.07
C ARG B 118 -7.05 9.45 22.22
N ILE B 119 -5.85 8.89 22.30
CA ILE B 119 -4.66 9.70 22.43
C ILE B 119 -4.44 10.69 21.26
N ILE B 120 -4.61 10.19 20.04
CA ILE B 120 -4.41 11.04 18.87
C ILE B 120 -5.52 12.09 18.69
N ALA B 121 -6.76 11.70 18.95
CA ALA B 121 -7.88 12.61 18.83
C ALA B 121 -7.78 13.77 19.83
N ASN B 122 -7.19 13.49 21.00
CA ASN B 122 -6.97 14.51 21.99
C ASN B 122 -5.97 15.58 21.58
N GLU B 123 -5.22 15.31 20.53
CA GLU B 123 -4.30 16.29 19.97
C GLU B 123 -4.96 17.32 19.06
N SER B 124 -6.25 17.15 18.80
CA SER B 124 -7.03 18.20 18.12
C SER B 124 -6.39 18.58 16.79
N GLY B 125 -5.89 17.58 16.09
CA GLY B 125 -5.40 17.75 14.74
C GLY B 125 -4.02 18.35 14.59
N ARG B 126 -3.25 18.47 15.67
CA ARG B 126 -1.95 19.10 15.54
C ARG B 126 -0.78 18.13 15.27
N PHE B 127 -1.08 16.83 15.10
CA PHE B 127 -0.04 15.90 14.62
C PHE B 127 -0.54 15.02 13.49
N PRO B 128 -0.86 15.64 12.36
CA PRO B 128 -1.42 14.91 11.24
C PRO B 128 -0.55 13.78 10.71
N VAL B 129 0.76 13.91 10.83
CA VAL B 129 1.61 12.87 10.30
C VAL B 129 1.48 11.61 11.13
N LEU B 130 1.44 11.74 12.43
CA LEU B 130 1.18 10.59 13.30
C LEU B 130 -0.20 10.03 13.13
N ALA B 131 -1.18 10.91 12.99
CA ALA B 131 -2.53 10.48 12.83
C ALA B 131 -2.65 9.62 11.57
N ARG B 132 -2.03 10.05 10.50
CA ARG B 132 -2.09 9.26 9.31
C ARG B 132 -1.27 7.98 9.40
N LEU B 133 -0.17 8.04 10.11
CA LEU B 133 0.67 6.88 10.29
C LEU B 133 -0.10 5.78 10.98
N PHE B 134 -0.86 6.14 12.00
CA PHE B 134 -1.67 5.17 12.67
C PHE B 134 -2.73 4.63 11.72
N TYR B 135 -3.43 5.53 11.04
CA TYR B 135 -4.48 5.09 10.15
C TYR B 135 -3.98 4.08 9.13
N GLU B 136 -2.86 4.39 8.48
CA GLU B 136 -2.34 3.55 7.40
C GLU B 136 -1.72 2.27 7.88
N SER B 137 -1.22 2.28 9.12
CA SER B 137 -0.58 1.11 9.67
C SER B 137 -1.54 0.14 10.28
N GLY B 138 -2.68 0.63 10.73
CA GLY B 138 -3.66 -0.20 11.43
C GLY B 138 -4.89 -0.42 10.60
N PRO B 139 -5.94 0.39 10.82
CA PRO B 139 -7.19 0.29 10.09
C PRO B 139 -7.07 0.11 8.60
N GLU B 140 -6.31 0.95 7.91
CA GLU B 140 -6.23 0.81 6.48
C GLU B 140 -5.53 -0.46 6.11
N ALA B 141 -4.55 -0.87 6.90
CA ALA B 141 -3.83 -2.12 6.64
C ALA B 141 -4.80 -3.31 6.70
N THR B 142 -5.68 -3.30 7.69
CA THR B 142 -6.68 -4.32 7.84
C THR B 142 -7.58 -4.35 6.61
N ILE B 143 -8.02 -3.19 6.17
CA ILE B 143 -8.83 -3.14 4.97
C ILE B 143 -8.10 -3.76 3.78
N ARG B 144 -6.85 -3.39 3.56
CA ARG B 144 -6.08 -3.92 2.44
C ARG B 144 -5.94 -5.43 2.48
N ARG B 145 -5.65 -6.01 3.64
CA ARG B 145 -5.50 -7.45 3.73
C ARG B 145 -6.78 -8.13 3.36
N LEU B 146 -7.89 -7.63 3.86
CA LEU B 146 -9.17 -8.22 3.54
C LEU B 146 -9.49 -8.02 2.06
N ALA B 147 -9.17 -6.86 1.55
CA ALA B 147 -9.43 -6.58 0.16
C ALA B 147 -8.71 -7.57 -0.75
N GLN B 148 -7.50 -7.93 -0.43
CA GLN B 148 -6.80 -8.84 -1.32
C GLN B 148 -7.49 -10.21 -1.27
N PHE B 149 -7.98 -10.60 -0.11
CA PHE B 149 -8.75 -11.81 -0.07
C PHE B 149 -10.02 -11.68 -0.91
N LEU B 150 -10.69 -10.53 -0.84
CA LEU B 150 -11.91 -10.39 -1.59
C LEU B 150 -11.65 -10.38 -3.09
N GLU B 151 -10.48 -9.93 -3.54
CA GLU B 151 -10.14 -10.04 -4.98
C GLU B 151 -10.11 -11.46 -5.45
N GLU B 152 -9.53 -12.32 -4.62
CA GLU B 152 -9.36 -13.75 -4.90
C GLU B 152 -10.77 -14.36 -5.02
N ALA B 153 -11.63 -14.05 -4.07
CA ALA B 153 -13.01 -14.55 -4.08
C ALA B 153 -13.78 -14.07 -5.31
N ARG B 154 -13.56 -12.81 -5.72
CA ARG B 154 -14.24 -12.31 -6.91
C ARG B 154 -13.72 -12.98 -8.17
N ALA B 155 -12.40 -13.13 -8.26
CA ALA B 155 -11.78 -13.84 -9.37
C ALA B 155 -12.33 -15.26 -9.46
N ALA B 156 -12.61 -15.90 -8.34
CA ALA B 156 -13.18 -17.23 -8.35
C ALA B 156 -14.68 -17.26 -8.58
N ARG B 157 -15.27 -16.10 -8.84
CA ARG B 157 -16.69 -15.98 -9.14
C ARG B 157 -17.63 -16.33 -7.98
N VAL B 158 -17.15 -16.31 -6.74
CA VAL B 158 -18.04 -16.58 -5.56
C VAL B 158 -18.56 -15.30 -4.83
N LEU B 159 -17.99 -14.13 -5.19
CA LEU B 159 -18.52 -12.80 -4.81
C LEU B 159 -18.49 -11.86 -6.00
N GLU B 160 -19.38 -10.87 -6.00
CA GLU B 160 -19.35 -9.78 -6.98
C GLU B 160 -19.52 -8.40 -6.32
N PHE B 161 -18.72 -7.46 -6.80
CA PHE B 161 -18.63 -6.10 -6.29
C PHE B 161 -17.65 -5.36 -7.17
N ASP B 162 -17.71 -4.04 -7.18
CA ASP B 162 -16.89 -3.24 -8.12
C ASP B 162 -15.50 -2.94 -7.61
N ASP B 163 -15.36 -2.58 -6.34
CA ASP B 163 -14.03 -2.25 -5.76
C ASP B 163 -13.79 -3.06 -4.45
N PRO B 164 -12.71 -3.80 -4.42
CA PRO B 164 -12.39 -4.61 -3.26
C PRO B 164 -12.18 -3.86 -1.94
N GLU B 166 -13.53 -0.89 -1.10
CA GLU B 166 -14.86 -0.48 -0.76
C GLU B 166 -15.58 -1.68 -0.11
N ALA B 167 -15.47 -2.86 -0.70
CA ALA B 167 -16.17 -4.04 -0.16
C ALA B 167 -15.60 -4.50 1.16
N ALA B 168 -14.28 -4.44 1.30
CA ALA B 168 -13.67 -4.77 2.56
C ALA B 168 -14.17 -3.82 3.65
N ASN B 169 -14.19 -2.53 3.35
CA ASN B 169 -14.60 -1.57 4.33
C ASN B 169 -16.09 -1.77 4.71
N GLN B 170 -16.91 -2.19 3.75
CA GLN B 170 -18.31 -2.44 4.03
C GLN B 170 -18.46 -3.64 4.96
N PHE B 171 -17.70 -4.70 4.69
CA PHE B 171 -17.74 -5.86 5.56
C PHE B 171 -17.38 -5.51 6.99
N LEU B 172 -16.31 -4.75 7.15
CA LEU B 172 -15.84 -4.37 8.47
C LEU B 172 -16.82 -3.42 9.16
N SER B 173 -17.37 -2.46 8.42
CA SER B 173 -18.41 -1.63 9.02
C SER B 173 -19.57 -2.45 9.53
N LEU B 174 -19.98 -3.48 8.80
CA LEU B 174 -21.15 -4.26 9.21
C LEU B 174 -20.88 -5.00 10.47
N VAL B 175 -19.74 -5.62 10.53
CA VAL B 175 -19.37 -6.51 11.61
C VAL B 175 -19.03 -5.71 12.87
N ARG B 176 -18.37 -4.60 12.68
CA ARG B 176 -17.99 -3.68 13.75
C ARG B 176 -19.21 -2.97 14.31
N GLY B 177 -20.07 -2.55 13.38
CA GLY B 177 -21.26 -1.78 13.71
C GLY B 177 -20.99 -0.61 14.61
N GLU B 178 -21.52 -0.71 15.80
CA GLU B 178 -21.67 0.39 16.72
C GLU B 178 -20.73 0.27 17.91
N LEU B 179 -19.89 -0.73 17.85
CA LEU B 179 -19.17 -1.14 19.01
C LEU B 179 -18.14 -0.12 19.49
N PRO B 180 -17.51 0.60 18.58
CA PRO B 180 -16.51 1.56 19.06
C PRO B 180 -17.16 2.56 20.02
N LEU B 181 -18.35 3.00 19.64
CA LEU B 181 -19.08 3.93 20.47
C LEU B 181 -19.43 3.30 21.81
N LEU B 182 -20.00 2.11 21.75
CA LEU B 182 -20.37 1.44 22.97
C LEU B 182 -19.15 1.31 23.92
N ILE B 183 -17.99 1.01 23.36
CA ILE B 183 -16.80 0.76 24.16
C ILE B 183 -16.38 2.02 24.86
N VAL B 184 -16.27 3.07 24.07
CA VAL B 184 -15.95 4.38 24.56
C VAL B 184 -16.90 4.88 25.66
N LEU B 185 -18.18 4.59 25.55
CA LEU B 185 -19.15 4.94 26.59
C LEU B 185 -19.09 4.02 27.80
N GLY B 186 -18.41 2.89 27.66
CA GLY B 186 -18.26 1.93 28.72
C GLY B 186 -19.48 1.08 28.87
N LEU B 187 -20.17 0.82 27.76
CA LEU B 187 -21.36 -0.03 27.77
C LEU B 187 -21.19 -1.34 27.06
N SER B 188 -20.04 -1.58 26.47
CA SER B 188 -19.86 -2.80 25.70
C SER B 188 -19.48 -3.89 26.66
N ASP B 189 -20.30 -4.94 26.70
CA ASP B 189 -19.93 -6.14 27.45
C ASP B 189 -20.19 -7.39 26.63
N LEU B 190 -19.14 -7.88 25.98
CA LEU B 190 -19.35 -8.87 24.95
C LEU B 190 -18.77 -10.22 25.27
N THR B 191 -19.66 -11.12 25.64
CA THR B 191 -19.35 -12.52 25.73
C THR B 191 -18.93 -13.04 24.34
N GLU B 192 -18.10 -14.09 24.31
CA GLU B 192 -17.81 -14.84 23.08
C GLU B 192 -19.08 -15.16 22.27
N GLU B 193 -20.19 -15.48 22.94
CA GLU B 193 -21.47 -15.81 22.26
C GLU B 193 -22.11 -14.59 21.58
N ALA B 194 -22.05 -13.46 22.25
CA ALA B 194 -22.57 -12.19 21.71
C ALA B 194 -21.76 -11.71 20.50
N ILE B 195 -20.45 -11.97 20.54
CA ILE B 195 -19.59 -11.73 19.40
C ILE B 195 -19.92 -12.62 18.21
N GLU B 196 -20.14 -13.92 18.43
CA GLU B 196 -20.54 -14.79 17.30
C GLU B 196 -21.78 -14.26 16.63
N GLN B 197 -22.72 -13.75 17.42
CA GLN B 197 -23.97 -13.25 16.85
C GLN B 197 -23.76 -12.01 16.02
N GLU B 198 -22.88 -11.13 16.51
CA GLU B 198 -22.54 -9.91 15.81
C GLU B 198 -21.96 -10.24 14.45
N ILE B 199 -21.08 -11.22 14.43
CA ILE B 199 -20.40 -11.59 13.24
C ILE B 199 -21.38 -12.22 12.28
N GLU B 200 -22.24 -13.10 12.79
CA GLU B 200 -23.09 -13.90 11.91
C GLU B 200 -24.09 -12.98 11.21
N ALA B 201 -24.56 -11.97 11.93
CA ALA B 201 -25.48 -10.98 11.36
C ALA B 201 -24.84 -10.17 10.23
N GLY B 202 -23.60 -9.72 10.48
CA GLY B 202 -22.85 -8.91 9.52
C GLY B 202 -22.50 -9.69 8.26
N LEU B 203 -22.10 -10.92 8.46
CA LEU B 203 -21.70 -11.79 7.39
C LEU B 203 -22.89 -12.17 6.54
N LYS B 204 -23.98 -12.54 7.21
CA LYS B 204 -25.19 -12.95 6.49
C LYS B 204 -25.58 -11.84 5.52
N PHE B 205 -25.48 -10.61 6.00
CA PHE B 205 -25.87 -9.45 5.21
C PHE B 205 -24.88 -9.20 4.07
N PHE B 206 -23.61 -9.25 4.41
CA PHE B 206 -22.58 -9.06 3.41
C PHE B 206 -22.74 -10.02 2.23
N LEU B 207 -23.07 -11.27 2.55
CA LEU B 207 -23.25 -12.28 1.52
C LEU B 207 -24.56 -12.12 0.76
N LYS B 208 -25.64 -11.74 1.44
CA LYS B 208 -26.85 -11.35 0.71
C LYS B 208 -26.48 -10.34 -0.37
N ALA B 209 -25.66 -9.35 -0.08
CA ALA B 209 -25.36 -8.33 -1.10
C ALA B 209 -24.36 -8.74 -2.16
N CYS B 210 -23.44 -9.67 -1.86
CA CYS B 210 -22.34 -9.91 -2.79
C CYS B 210 -22.30 -11.29 -3.43
N GLN B 211 -23.07 -12.25 -2.93
CA GLN B 211 -23.12 -13.56 -3.56
C GLN B 211 -23.93 -13.43 -4.83
N PRO B 212 -23.49 -14.10 -5.91
CA PRO B 212 -24.29 -14.15 -7.13
C PRO B 212 -25.58 -14.95 -6.96
N ARG B 213 -26.63 -14.50 -7.67
CA ARG B 213 -27.79 -15.34 -8.07
C ARG B 213 -28.33 -14.84 -9.41
N ALA C 19 13.70 -33.47 -44.78
CA ALA C 19 14.54 -33.97 -43.66
C ALA C 19 15.04 -32.77 -42.82
N GLY C 20 16.14 -32.17 -43.23
CA GLY C 20 16.75 -31.11 -42.43
C GLY C 20 15.90 -29.85 -42.45
N ARG C 21 15.50 -29.49 -43.67
CA ARG C 21 14.77 -28.24 -43.91
C ARG C 21 13.25 -28.29 -43.61
N LYS C 22 12.66 -29.48 -43.57
CA LYS C 22 11.37 -29.71 -42.92
C LYS C 22 11.30 -28.90 -41.63
N ASP C 24 13.29 -26.63 -40.26
CA ASP C 24 13.53 -25.18 -40.25
C ASP C 24 12.32 -24.36 -40.71
N ILE C 25 11.57 -24.86 -41.68
CA ILE C 25 10.35 -24.17 -42.07
C ILE C 25 9.37 -24.08 -40.91
N VAL C 26 9.25 -25.18 -40.17
CA VAL C 26 8.40 -25.25 -38.98
C VAL C 26 8.88 -24.25 -37.93
N ILE C 27 10.17 -24.25 -37.67
CA ILE C 27 10.76 -23.29 -36.76
C ILE C 27 10.38 -21.86 -37.12
N ARG C 28 10.59 -21.46 -38.37
CA ARG C 28 10.30 -20.07 -38.73
C ARG C 28 8.79 -19.78 -38.62
N ALA C 29 7.96 -20.76 -38.92
CA ALA C 29 6.53 -20.53 -38.85
C ALA C 29 6.07 -20.37 -37.41
N ALA C 30 6.70 -21.09 -36.52
CA ALA C 30 6.35 -21.04 -35.09
C ALA C 30 6.82 -19.73 -34.51
N TRP C 31 8.00 -19.29 -34.91
CA TRP C 31 8.53 -18.04 -34.44
C TRP C 31 7.51 -16.94 -34.79
N GLN C 32 7.08 -16.93 -36.04
CA GLN C 32 6.11 -15.96 -36.51
C GLN C 32 4.85 -15.91 -35.62
N LEU C 33 4.28 -17.06 -35.34
CA LEU C 33 3.06 -17.11 -34.54
C LEU C 33 3.27 -16.72 -33.10
N PHE C 34 4.38 -17.15 -32.53
CA PHE C 34 4.66 -16.79 -31.16
C PHE C 34 4.75 -15.29 -31.01
N LEU C 35 5.35 -14.59 -31.98
CA LEU C 35 5.43 -13.14 -31.80
C LEU C 35 4.18 -12.45 -32.21
N GLU C 36 3.42 -12.99 -33.18
CA GLU C 36 2.08 -12.43 -33.48
C GLU C 36 1.16 -12.56 -32.27
N GLN C 37 1.04 -13.77 -31.74
CA GLN C 37 -0.03 -14.14 -30.82
C GLN C 37 0.36 -14.52 -29.40
N GLY C 38 1.64 -14.74 -29.14
CA GLY C 38 2.06 -15.31 -27.88
C GLY C 38 2.23 -16.81 -27.94
N PHE C 39 2.88 -17.34 -26.92
CA PHE C 39 3.21 -18.73 -26.85
C PHE C 39 1.97 -19.57 -26.57
N SER C 40 1.29 -19.27 -25.47
CA SER C 40 0.07 -20.04 -25.12
C SER C 40 -1.06 -19.94 -26.13
N ALA C 41 -1.20 -18.79 -26.75
CA ALA C 41 -2.23 -18.61 -27.76
C ALA C 41 -1.95 -19.33 -29.08
N THR C 42 -0.77 -19.86 -29.26
CA THR C 42 -0.44 -20.49 -30.52
C THR C 42 -0.60 -21.98 -30.29
N SER C 43 -1.30 -22.67 -31.20
CA SER C 43 -1.49 -24.11 -31.08
C SER C 43 -0.64 -24.88 -32.08
N ASP C 45 -1.65 -27.04 -33.81
CA ASP C 45 -2.49 -27.15 -34.99
C ASP C 45 -2.23 -26.01 -35.98
N ALA C 46 -2.21 -24.78 -35.47
CA ALA C 46 -1.92 -23.59 -36.28
C ALA C 46 -0.53 -23.62 -36.89
N ILE C 47 0.43 -24.16 -36.12
CA ILE C 47 1.83 -24.22 -36.56
C ILE C 47 1.98 -25.17 -37.72
N ALA C 48 1.35 -26.33 -37.60
CA ALA C 48 1.37 -27.29 -38.68
C ALA C 48 0.81 -26.67 -39.95
N LYS C 49 -0.34 -25.99 -39.84
CA LYS C 49 -0.96 -25.39 -41.02
C LYS C 49 -0.04 -24.36 -41.63
N ALA C 50 0.50 -23.48 -40.80
CA ALA C 50 1.34 -22.40 -41.31
C ALA C 50 2.62 -22.94 -41.94
N ALA C 51 3.13 -24.06 -41.46
CA ALA C 51 4.33 -24.66 -42.05
C ALA C 51 4.02 -25.61 -43.20
N GLY C 52 2.76 -26.05 -43.34
CA GLY C 52 2.35 -26.92 -44.45
C GLY C 52 2.76 -28.38 -44.26
N VAL C 53 2.52 -28.91 -43.06
CA VAL C 53 2.84 -30.28 -42.77
C VAL C 53 1.68 -30.89 -41.99
N SER C 54 1.67 -32.21 -41.90
CA SER C 54 0.66 -32.88 -41.12
C SER C 54 1.09 -32.80 -39.64
N LYS C 55 0.11 -32.89 -38.77
CA LYS C 55 0.41 -33.02 -37.36
C LYS C 55 1.37 -34.19 -37.10
N ALA C 56 1.24 -35.26 -37.86
CA ALA C 56 2.14 -36.41 -37.64
C ALA C 56 3.60 -36.00 -37.82
N THR C 57 3.84 -35.29 -38.92
CA THR C 57 5.19 -34.86 -39.29
C THR C 57 5.73 -33.96 -38.18
N LEU C 58 4.89 -33.02 -37.77
CA LEU C 58 5.27 -32.07 -36.77
C LEU C 58 5.65 -32.69 -35.45
N TYR C 59 4.78 -33.57 -34.97
CA TYR C 59 4.99 -34.22 -33.69
C TYR C 59 6.13 -35.23 -33.71
N ALA C 60 6.46 -35.72 -34.91
CA ALA C 60 7.66 -36.56 -35.10
C ALA C 60 8.95 -35.79 -34.89
N TYR C 61 8.97 -34.52 -35.25
CA TYR C 61 10.16 -33.71 -35.01
C TYR C 61 10.18 -33.12 -33.65
N PHE C 62 9.00 -32.77 -33.14
CA PHE C 62 8.92 -32.09 -31.87
C PHE C 62 7.87 -32.73 -31.00
N PRO C 63 8.28 -33.23 -29.83
CA PRO C 63 7.32 -33.87 -28.92
C PRO C 63 6.23 -32.94 -28.41
N SER C 64 6.51 -31.64 -28.32
CA SER C 64 5.52 -30.71 -27.81
C SER C 64 5.84 -29.29 -28.21
N LYS C 65 4.87 -28.42 -27.99
CA LYS C 65 5.02 -26.99 -28.22
C LYS C 65 6.16 -26.42 -27.39
N GLU C 66 6.24 -26.83 -26.13
CA GLU C 66 7.35 -26.48 -25.24
C GLU C 66 8.67 -26.86 -25.90
N ALA C 67 8.74 -28.08 -26.43
CA ALA C 67 10.00 -28.50 -27.03
C ALA C 67 10.33 -27.62 -28.24
N LEU C 68 9.33 -27.24 -28.97
CA LEU C 68 9.58 -26.42 -30.14
C LEU C 68 10.19 -25.11 -29.75
N PHE C 69 9.64 -24.50 -28.70
CA PHE C 69 10.11 -23.19 -28.25
C PHE C 69 11.51 -23.30 -27.68
N ALA C 70 11.77 -24.41 -27.02
CA ALA C 70 13.11 -24.65 -26.54
C ALA C 70 14.17 -24.65 -27.67
N SER C 71 13.86 -25.29 -28.80
CA SER C 71 14.76 -25.23 -29.96
C SER C 71 14.94 -23.81 -30.46
N LEU C 72 13.88 -23.02 -30.43
CA LEU C 72 13.98 -21.65 -30.89
C LEU C 72 14.90 -20.90 -30.00
N ILE C 73 14.69 -21.06 -28.72
CA ILE C 73 15.53 -20.41 -27.72
C ILE C 73 16.97 -20.78 -27.86
N VAL C 74 17.27 -22.07 -27.88
CA VAL C 74 18.67 -22.47 -28.02
C VAL C 74 19.29 -21.95 -29.29
N ALA C 75 18.54 -21.95 -30.38
CA ALA C 75 19.07 -21.48 -31.68
C ALA C 75 19.39 -19.98 -31.66
N GLU C 76 18.46 -19.18 -31.15
CA GLU C 76 18.70 -17.74 -31.10
C GLU C 76 19.77 -17.35 -30.14
N CYS C 77 19.82 -18.02 -29.00
CA CYS C 77 20.87 -17.74 -28.05
C CYS C 77 22.24 -18.14 -28.59
N GLU C 78 22.41 -19.28 -29.28
CA GLU C 78 23.75 -19.63 -29.84
C GLU C 78 24.18 -18.56 -30.84
N SER C 79 23.22 -18.03 -31.56
CA SER C 79 23.45 -17.04 -32.58
C SER C 79 23.93 -15.71 -32.02
N LEU C 80 23.20 -15.18 -31.05
CA LEU C 80 23.63 -13.98 -30.33
C LEU C 80 25.00 -14.12 -29.71
N GLN C 81 25.31 -15.30 -29.21
CA GLN C 81 26.59 -15.53 -28.62
C GLN C 81 27.75 -15.43 -29.61
N ARG C 82 27.52 -15.76 -30.89
CA ARG C 82 28.58 -15.67 -31.90
C ARG C 82 28.87 -14.24 -32.33
N ASP C 83 27.90 -13.35 -32.14
CA ASP C 83 28.15 -11.91 -32.30
C ASP C 83 28.98 -11.24 -31.16
N LEU C 84 29.43 -12.03 -30.17
CA LEU C 84 30.34 -11.54 -29.10
C LEU C 84 31.76 -12.02 -29.39
N PRO C 85 32.78 -11.16 -29.15
CA PRO C 85 34.13 -11.68 -29.35
C PRO C 85 34.52 -12.72 -28.32
N VAL C 86 35.55 -13.50 -28.62
CA VAL C 86 36.24 -14.24 -27.56
C VAL C 86 37.44 -13.40 -27.15
N PRO C 87 37.39 -12.82 -25.95
CA PRO C 87 38.45 -11.92 -25.60
C PRO C 87 39.79 -12.63 -25.40
N LYS C 88 40.85 -11.99 -25.85
CA LYS C 88 42.19 -12.55 -25.78
C LYS C 88 43.12 -11.64 -24.98
N LEU C 89 43.82 -12.23 -24.03
CA LEU C 89 44.77 -11.50 -23.23
C LEU C 89 45.88 -10.87 -24.12
N SER C 90 46.29 -11.55 -25.20
CA SER C 90 47.35 -11.05 -26.09
C SER C 90 47.05 -9.65 -26.61
N ALA C 91 45.78 -9.28 -26.69
CA ALA C 91 45.36 -7.97 -27.19
C ALA C 91 45.54 -6.84 -26.19
N GLY C 92 45.84 -7.18 -24.95
CA GLY C 92 45.86 -6.19 -23.86
C GLY C 92 44.61 -6.39 -23.02
N LEU C 93 44.77 -6.31 -21.71
CA LEU C 93 43.68 -6.45 -20.78
C LEU C 93 42.54 -5.45 -21.00
N SER C 94 42.86 -4.17 -20.95
CA SER C 94 41.90 -3.13 -21.22
C SER C 94 41.22 -3.26 -22.60
N GLU C 95 41.99 -3.45 -23.67
CA GLU C 95 41.39 -3.48 -25.02
C GLU C 95 40.48 -4.65 -25.19
N ALA C 96 40.80 -5.74 -24.52
CA ALA C 96 40.00 -6.94 -24.65
C ALA C 96 38.65 -6.73 -23.99
N LEU C 97 38.66 -6.19 -22.77
CA LEU C 97 37.45 -5.91 -22.03
C LEU C 97 36.67 -4.81 -22.73
N ARG C 98 37.38 -3.80 -23.20
CA ARG C 98 36.73 -2.70 -23.86
C ARG C 98 35.98 -3.20 -25.09
N ASP C 99 36.59 -4.10 -25.82
CA ASP C 99 35.98 -4.63 -27.02
C ASP C 99 34.77 -5.49 -26.66
N PHE C 100 34.89 -6.30 -25.63
CA PHE C 100 33.79 -7.19 -25.22
C PHE C 100 32.64 -6.33 -24.77
N ALA C 101 32.94 -5.35 -23.94
CA ALA C 101 31.94 -4.40 -23.52
C ALA C 101 31.24 -3.78 -24.69
N ARG C 102 31.98 -3.30 -25.66
CA ARG C 102 31.37 -2.63 -26.79
C ARG C 102 30.37 -3.54 -27.49
N GLN C 103 30.70 -4.80 -27.69
CA GLN C 103 29.79 -5.68 -28.42
C GLN C 103 28.59 -6.01 -27.57
N TYR C 104 28.82 -6.15 -26.28
CA TYR C 104 27.77 -6.39 -25.32
C TYR C 104 26.70 -5.31 -25.38
N LEU C 105 27.12 -4.07 -25.37
CA LEU C 105 26.17 -2.99 -25.40
C LEU C 105 25.46 -2.90 -26.73
N HIS C 106 26.11 -3.27 -27.82
CA HIS C 106 25.42 -3.22 -29.10
C HIS C 106 24.14 -4.09 -29.07
N THR C 107 24.16 -5.22 -28.35
CA THR C 107 22.94 -6.06 -28.25
C THR C 107 21.80 -5.33 -27.58
N PHE C 108 22.12 -4.51 -26.59
CA PHE C 108 21.07 -3.73 -25.94
C PHE C 108 20.55 -2.62 -26.79
N ILE C 109 21.49 -1.92 -27.40
CA ILE C 109 21.18 -0.74 -28.17
C ILE C 109 20.30 -1.10 -29.34
N HIS C 110 20.57 -2.24 -29.98
CA HIS C 110 19.76 -2.66 -31.13
C HIS C 110 18.68 -3.68 -30.73
N ARG C 111 18.39 -3.76 -29.43
CA ARG C 111 17.22 -4.45 -28.93
C ARG C 111 17.12 -5.83 -29.55
N LYS C 112 18.22 -6.57 -29.52
CA LYS C 112 18.24 -7.90 -30.12
C LYS C 112 17.68 -9.00 -29.22
N ASP C 113 17.36 -8.71 -27.96
CA ASP C 113 16.90 -9.71 -26.96
C ASP C 113 15.37 -9.57 -26.77
N VAL C 114 14.80 -8.51 -27.34
CA VAL C 114 13.56 -7.96 -26.82
C VAL C 114 12.30 -8.77 -27.16
N ALA C 115 12.17 -9.22 -28.40
CA ALA C 115 11.08 -10.11 -28.77
C ALA C 115 11.01 -11.34 -27.84
N PHE C 116 12.16 -12.00 -27.63
CA PHE C 116 12.19 -13.20 -26.78
C PHE C 116 11.72 -12.93 -25.39
N VAL C 117 12.26 -11.85 -24.85
CA VAL C 117 11.94 -11.53 -23.50
C VAL C 117 10.46 -11.16 -23.41
N ARG C 118 9.95 -10.50 -24.43
CA ARG C 118 8.57 -10.13 -24.41
C ARG C 118 7.74 -11.38 -24.36
N ILE C 119 8.05 -12.31 -25.25
CA ILE C 119 7.26 -13.52 -25.32
C ILE C 119 7.26 -14.29 -24.00
N ILE C 120 8.42 -14.40 -23.36
CA ILE C 120 8.51 -15.13 -22.11
C ILE C 120 7.87 -14.40 -20.94
N ALA C 121 8.13 -13.09 -20.87
CA ALA C 121 7.56 -12.28 -19.81
C ALA C 121 6.06 -12.29 -19.84
N ASN C 122 5.48 -12.34 -21.05
CA ASN C 122 4.04 -12.21 -21.23
C ASN C 122 3.36 -13.51 -20.78
N GLU C 123 4.15 -14.56 -20.51
CA GLU C 123 3.63 -15.78 -19.92
C GLU C 123 3.43 -15.68 -18.38
N SER C 124 3.87 -14.58 -17.76
CA SER C 124 3.57 -14.32 -16.35
C SER C 124 3.97 -15.52 -15.47
N GLY C 125 5.13 -16.13 -15.77
CA GLY C 125 5.71 -17.17 -14.94
C GLY C 125 5.09 -18.55 -15.04
N ARG C 126 4.28 -18.82 -16.05
CA ARG C 126 3.75 -20.19 -16.23
C ARG C 126 4.67 -21.16 -16.95
N PHE C 127 5.83 -20.71 -17.44
CA PHE C 127 6.75 -21.64 -18.07
C PHE C 127 8.16 -21.45 -17.54
N PRO C 128 8.36 -21.72 -16.24
CA PRO C 128 9.64 -21.43 -15.61
C PRO C 128 10.80 -22.17 -16.22
N VAL C 129 10.55 -23.36 -16.75
CA VAL C 129 11.67 -24.12 -17.25
C VAL C 129 12.19 -23.46 -18.52
N LEU C 130 11.28 -23.03 -19.38
CA LEU C 130 11.70 -22.26 -20.57
C LEU C 130 12.34 -20.92 -20.21
N ALA C 131 11.80 -20.25 -19.22
CA ALA C 131 12.36 -19.00 -18.81
C ALA C 131 13.79 -19.21 -18.33
N ARG C 132 14.04 -20.27 -17.58
CA ARG C 132 15.41 -20.50 -17.13
C ARG C 132 16.33 -20.96 -18.26
N LEU C 133 15.78 -21.71 -19.20
CA LEU C 133 16.54 -22.15 -20.32
C LEU C 133 17.04 -20.93 -21.10
N PHE C 134 16.19 -19.94 -21.28
CA PHE C 134 16.61 -18.73 -21.93
C PHE C 134 17.72 -18.05 -21.12
N TYR C 135 17.46 -17.85 -19.84
CA TYR C 135 18.43 -17.18 -19.00
C TYR C 135 19.78 -17.82 -19.10
N GLU C 136 19.84 -19.14 -18.99
CA GLU C 136 21.12 -19.88 -18.93
C GLU C 136 21.81 -19.95 -20.28
N SER C 137 21.04 -19.90 -21.35
CA SER C 137 21.59 -19.97 -22.72
C SER C 137 22.05 -18.60 -23.26
N GLY C 138 21.50 -17.51 -22.71
CA GLY C 138 21.84 -16.18 -23.17
C GLY C 138 22.65 -15.39 -22.12
N PRO C 139 21.99 -14.58 -21.33
CA PRO C 139 22.64 -13.79 -20.27
C PRO C 139 23.67 -14.54 -19.44
N GLU C 140 23.31 -15.69 -18.89
CA GLU C 140 24.26 -16.40 -18.05
C GLU C 140 25.41 -16.92 -18.90
N ALA C 141 25.17 -17.23 -20.16
CA ALA C 141 26.26 -17.67 -21.08
C ALA C 141 27.27 -16.56 -21.29
N THR C 142 26.77 -15.34 -21.44
CA THR C 142 27.63 -14.19 -21.56
C THR C 142 28.51 -14.04 -20.31
N ILE C 143 27.92 -14.16 -19.15
CA ILE C 143 28.71 -14.13 -17.93
C ILE C 143 29.79 -15.18 -17.95
N ARG C 144 29.44 -16.42 -18.28
CA ARG C 144 30.40 -17.54 -18.29
C ARG C 144 31.56 -17.32 -19.25
N ARG C 145 31.30 -16.81 -20.45
CA ARG C 145 32.35 -16.50 -21.40
C ARG C 145 33.32 -15.52 -20.82
N LEU C 146 32.80 -14.46 -20.23
CA LEU C 146 33.65 -13.45 -19.68
C LEU C 146 34.41 -14.02 -18.50
N ALA C 147 33.75 -14.84 -17.71
CA ALA C 147 34.36 -15.38 -16.53
C ALA C 147 35.56 -16.19 -16.91
N GLN C 148 35.47 -16.93 -17.98
CA GLN C 148 36.61 -17.73 -18.34
C GLN C 148 37.77 -16.81 -18.76
N PHE C 149 37.48 -15.70 -19.43
CA PHE C 149 38.52 -14.74 -19.73
C PHE C 149 39.12 -14.16 -18.46
N LEU C 150 38.28 -13.87 -17.48
CA LEU C 150 38.80 -13.31 -16.24
C LEU C 150 39.64 -14.32 -15.46
N GLU C 151 39.37 -15.63 -15.58
CA GLU C 151 40.25 -16.62 -14.95
C GLU C 151 41.65 -16.56 -15.48
N GLU C 152 41.76 -16.40 -16.80
CA GLU C 152 43.07 -16.30 -17.44
C GLU C 152 43.82 -15.10 -16.96
N ALA C 153 43.13 -13.97 -16.93
CA ALA C 153 43.73 -12.74 -16.45
C ALA C 153 44.21 -12.89 -14.99
N ARG C 154 43.42 -13.58 -14.16
CA ARG C 154 43.84 -13.76 -12.77
C ARG C 154 45.04 -14.68 -12.69
N ALA C 155 45.03 -15.75 -13.48
CA ALA C 155 46.15 -16.69 -13.56
C ALA C 155 47.40 -15.97 -14.01
N ALA C 156 47.27 -14.99 -14.88
CA ALA C 156 48.42 -14.19 -15.32
C ALA C 156 48.80 -13.08 -14.33
N ARG C 157 48.12 -13.02 -13.18
CA ARG C 157 48.41 -12.04 -12.13
C ARG C 157 48.14 -10.57 -12.49
N VAL C 158 47.30 -10.31 -13.49
CA VAL C 158 46.93 -8.92 -13.84
C VAL C 158 45.57 -8.43 -13.28
N LEU C 159 44.79 -9.37 -12.72
CA LEU C 159 43.62 -9.06 -11.90
C LEU C 159 43.61 -9.94 -10.66
N GLU C 160 42.96 -9.46 -9.59
CA GLU C 160 42.65 -10.27 -8.40
C GLU C 160 41.19 -10.12 -7.92
N PHE C 161 40.61 -11.26 -7.54
CA PHE C 161 39.22 -11.38 -7.15
C PHE C 161 39.00 -12.82 -6.75
N ASP C 162 37.97 -13.09 -5.95
CA ASP C 162 37.75 -14.44 -5.41
C ASP C 162 36.99 -15.35 -6.37
N ASP C 163 35.93 -14.85 -7.02
CA ASP C 163 35.09 -15.68 -7.91
C ASP C 163 34.93 -15.02 -9.30
N PRO C 164 35.29 -15.76 -10.35
CA PRO C 164 35.23 -15.20 -11.69
C PRO C 164 33.83 -14.85 -12.22
N GLU C 166 31.22 -14.00 -10.30
CA GLU C 166 30.87 -12.81 -9.56
C GLU C 166 31.53 -11.61 -10.22
N ALA C 167 32.80 -11.74 -10.57
CA ALA C 167 33.53 -10.62 -11.17
C ALA C 167 33.00 -10.30 -12.57
N ALA C 168 32.68 -11.33 -13.35
CA ALA C 168 32.14 -11.09 -14.67
C ALA C 168 30.83 -10.31 -14.56
N ASN C 169 29.98 -10.77 -13.65
CA ASN C 169 28.70 -10.15 -13.47
C ASN C 169 28.87 -8.68 -13.02
N GLN C 170 29.87 -8.42 -12.21
CA GLN C 170 30.11 -7.08 -11.75
C GLN C 170 30.57 -6.17 -12.87
N PHE C 171 31.48 -6.65 -13.68
CA PHE C 171 31.91 -5.91 -14.85
C PHE C 171 30.71 -5.53 -15.74
N LEU C 172 29.84 -6.50 -16.00
CA LEU C 172 28.72 -6.28 -16.89
C LEU C 172 27.71 -5.36 -16.25
N SER C 173 27.46 -5.53 -14.96
CA SER C 173 26.60 -4.60 -14.29
C SER C 173 27.11 -3.16 -14.39
N LEU C 174 28.41 -2.97 -14.26
CA LEU C 174 28.95 -1.62 -14.29
C LEU C 174 28.79 -0.98 -15.64
N VAL C 175 29.12 -1.72 -16.68
CA VAL C 175 29.14 -1.22 -18.04
C VAL C 175 27.72 -1.01 -18.56
N ARG C 176 26.85 -1.93 -18.21
CA ARG C 176 25.46 -1.89 -18.59
C ARG C 176 24.78 -0.75 -17.84
N GLY C 177 25.09 -0.65 -16.55
CA GLY C 177 24.49 0.32 -15.67
C GLY C 177 23.01 0.42 -15.83
N GLU C 178 22.64 1.58 -16.34
CA GLU C 178 21.30 2.07 -16.36
C GLU C 178 20.71 2.01 -17.77
N LEU C 179 21.51 1.64 -18.77
CA LEU C 179 21.11 1.83 -20.15
C LEU C 179 19.96 0.94 -20.56
N PRO C 180 19.95 -0.31 -20.10
CA PRO C 180 18.79 -1.15 -20.47
C PRO C 180 17.45 -0.51 -20.13
N LEU C 181 17.37 0.09 -18.95
CA LEU C 181 16.20 0.83 -18.53
C LEU C 181 15.91 2.03 -19.45
N LEU C 182 16.92 2.84 -19.68
CA LEU C 182 16.76 4.00 -20.54
C LEU C 182 16.27 3.61 -21.93
N ILE C 183 16.77 2.51 -22.44
CA ILE C 183 16.43 2.09 -23.78
C ILE C 183 14.99 1.64 -23.86
N VAL C 184 14.62 0.75 -22.96
CA VAL C 184 13.27 0.30 -22.79
C VAL C 184 12.24 1.45 -22.60
N LEU C 185 12.58 2.50 -21.87
CA LEU C 185 11.71 3.66 -21.74
C LEU C 185 11.67 4.54 -23.00
N GLY C 186 12.64 4.34 -23.88
CA GLY C 186 12.77 5.12 -25.07
C GLY C 186 13.44 6.44 -24.82
N LEU C 187 14.33 6.51 -23.86
CA LEU C 187 15.01 7.76 -23.55
C LEU C 187 16.46 7.76 -23.93
N SER C 188 16.96 6.66 -24.47
CA SER C 188 18.36 6.56 -24.85
C SER C 188 18.56 6.84 -26.33
N ASP C 189 19.47 7.75 -26.66
CA ASP C 189 20.00 7.86 -28.01
C ASP C 189 21.50 7.94 -27.86
N LEU C 190 22.17 6.87 -28.24
CA LEU C 190 23.58 6.77 -27.91
C LEU C 190 24.46 6.83 -29.14
N THR C 191 25.12 7.98 -29.25
CA THR C 191 26.20 8.19 -30.19
C THR C 191 27.34 7.20 -29.82
N GLU C 192 28.10 6.78 -30.82
CA GLU C 192 29.29 5.99 -30.58
C GLU C 192 30.16 6.57 -29.46
N GLU C 193 30.25 7.90 -29.40
CA GLU C 193 31.09 8.62 -28.43
C GLU C 193 30.55 8.42 -27.02
N ALA C 194 29.22 8.52 -26.90
CA ALA C 194 28.56 8.32 -25.62
C ALA C 194 28.76 6.88 -25.13
N ILE C 195 28.74 5.93 -26.04
CA ILE C 195 28.99 4.54 -25.68
C ILE C 195 30.40 4.34 -25.17
N GLU C 196 31.39 4.94 -25.82
CA GLU C 196 32.78 4.80 -25.36
C GLU C 196 32.92 5.33 -23.95
N GLN C 197 32.21 6.41 -23.65
CA GLN C 197 32.24 6.99 -22.31
C GLN C 197 31.63 6.08 -21.26
N GLU C 198 30.52 5.43 -21.61
CA GLU C 198 29.86 4.47 -20.73
C GLU C 198 30.79 3.33 -20.37
N ILE C 199 31.48 2.85 -21.40
CA ILE C 199 32.37 1.73 -21.24
C ILE C 199 33.58 2.13 -20.45
N GLU C 200 34.14 3.29 -20.76
CA GLU C 200 35.37 3.71 -20.12
C GLU C 200 35.14 3.93 -18.62
N ALA C 201 33.97 4.46 -18.26
CA ALA C 201 33.61 4.68 -16.85
C ALA C 201 33.50 3.38 -16.08
N GLY C 202 32.83 2.39 -16.69
CA GLY C 202 32.66 1.08 -16.08
C GLY C 202 33.96 0.31 -15.93
N LEU C 203 34.78 0.39 -16.96
CA LEU C 203 36.04 -0.31 -16.99
C LEU C 203 37.02 0.30 -16.00
N LYS C 204 37.08 1.63 -15.96
CA LYS C 204 37.98 2.32 -15.06
C LYS C 204 37.74 1.83 -13.64
N PHE C 205 36.45 1.69 -13.30
CA PHE C 205 36.01 1.33 -11.95
C PHE C 205 36.29 -0.12 -11.66
N PHE C 206 35.95 -0.96 -12.63
CA PHE C 206 36.26 -2.36 -12.52
C PHE C 206 37.75 -2.60 -12.22
N LEU C 207 38.60 -1.85 -12.91
CA LEU C 207 40.03 -2.04 -12.76
C LEU C 207 40.50 -1.44 -11.43
N LYS C 208 39.94 -0.31 -11.00
CA LYS C 208 40.26 0.20 -9.67
C LYS C 208 40.04 -0.92 -8.67
N ALA C 209 38.97 -1.67 -8.79
CA ALA C 209 38.69 -2.73 -7.79
C ALA C 209 39.50 -4.01 -7.93
N CYS C 210 39.98 -4.34 -9.13
CA CYS C 210 40.60 -5.64 -9.34
C CYS C 210 42.09 -5.66 -9.73
N GLN C 211 42.66 -4.53 -10.14
CA GLN C 211 44.09 -4.50 -10.47
C GLN C 211 44.86 -4.54 -9.18
N PRO C 212 45.98 -5.29 -9.15
CA PRO C 212 46.85 -5.28 -7.97
C PRO C 212 47.48 -3.89 -7.77
N ARG C 213 47.52 -3.42 -6.51
CA ARG C 213 47.77 -2.01 -6.16
C ARG C 213 48.80 -1.93 -5.03
N ALA D 19 -11.71 16.47 -2.63
CA ALA D 19 -11.54 15.42 -3.69
C ALA D 19 -12.72 14.45 -3.55
N GLY D 20 -12.59 13.48 -2.63
CA GLY D 20 -13.62 12.46 -2.38
C GLY D 20 -13.14 11.06 -2.72
N ARG D 21 -13.94 10.03 -2.40
CA ARG D 21 -13.49 8.62 -2.47
C ARG D 21 -13.39 8.04 -3.87
N LYS D 22 -14.13 8.62 -4.79
CA LYS D 22 -14.05 8.18 -6.15
C LYS D 22 -12.71 8.38 -6.79
N ASP D 24 -9.77 7.80 -5.62
CA ASP D 24 -8.93 6.63 -5.33
C ASP D 24 -9.50 5.41 -6.01
N ILE D 25 -10.82 5.29 -6.05
CA ILE D 25 -11.43 4.14 -6.72
C ILE D 25 -11.03 4.17 -8.19
N VAL D 26 -11.06 5.35 -8.77
CA VAL D 26 -10.69 5.53 -10.17
C VAL D 26 -9.23 5.15 -10.37
N ILE D 27 -8.36 5.65 -9.48
CA ILE D 27 -6.95 5.34 -9.53
C ILE D 27 -6.75 3.82 -9.52
N ARG D 28 -7.36 3.11 -8.58
CA ARG D 28 -7.18 1.68 -8.50
C ARG D 28 -7.72 0.98 -9.74
N ALA D 29 -8.82 1.47 -10.28
CA ALA D 29 -9.43 0.82 -11.44
C ALA D 29 -8.53 0.99 -12.64
N ALA D 30 -7.90 2.16 -12.76
CA ALA D 30 -7.05 2.47 -13.87
C ALA D 30 -5.77 1.68 -13.78
N TRP D 31 -5.22 1.59 -12.59
CA TRP D 31 -4.03 0.84 -12.42
C TRP D 31 -4.27 -0.60 -12.88
N GLN D 32 -5.36 -1.20 -12.42
CA GLN D 32 -5.74 -2.54 -12.82
C GLN D 32 -5.73 -2.71 -14.35
N LEU D 33 -6.40 -1.79 -15.06
CA LEU D 33 -6.52 -1.91 -16.50
C LEU D 33 -5.18 -1.69 -17.17
N PHE D 34 -4.41 -0.74 -16.69
CA PHE D 34 -3.14 -0.44 -17.33
C PHE D 34 -2.28 -1.68 -17.25
N LEU D 35 -2.35 -2.38 -16.15
CA LEU D 35 -1.51 -3.53 -16.02
C LEU D 35 -2.06 -4.74 -16.76
N GLU D 36 -3.37 -4.92 -16.77
CA GLU D 36 -3.98 -5.99 -17.58
C GLU D 36 -3.66 -5.76 -19.04
N GLN D 37 -3.93 -4.55 -19.55
CA GLN D 37 -4.04 -4.28 -20.99
C GLN D 37 -3.04 -3.33 -21.60
N GLY D 38 -2.31 -2.59 -20.79
CA GLY D 38 -1.47 -1.52 -21.32
C GLY D 38 -2.14 -0.17 -21.27
N PHE D 39 -1.35 0.87 -21.46
CA PHE D 39 -1.81 2.24 -21.30
C PHE D 39 -2.69 2.66 -22.47
N SER D 40 -2.17 2.58 -23.69
CA SER D 40 -2.94 2.95 -24.87
C SER D 40 -4.16 2.08 -25.09
N ALA D 41 -4.08 0.81 -24.74
CA ALA D 41 -5.23 -0.08 -24.86
C ALA D 41 -6.33 0.14 -23.83
N THR D 42 -6.10 1.02 -22.86
CA THR D 42 -7.10 1.29 -21.86
C THR D 42 -7.72 2.64 -22.17
N SER D 43 -9.02 2.72 -22.24
CA SER D 43 -9.68 3.99 -22.59
C SER D 43 -10.28 4.62 -21.37
N ASP D 45 -13.05 5.69 -21.30
CA ASP D 45 -14.39 5.12 -21.24
C ASP D 45 -14.45 3.88 -20.37
N ALA D 46 -13.52 2.96 -20.58
CA ALA D 46 -13.43 1.72 -19.80
C ALA D 46 -13.17 2.02 -18.33
N ILE D 47 -12.36 3.02 -18.07
CA ILE D 47 -11.98 3.38 -16.73
C ILE D 47 -13.18 3.91 -15.97
N ALA D 48 -13.94 4.80 -16.59
CA ALA D 48 -15.14 5.34 -15.99
C ALA D 48 -16.10 4.19 -15.64
N LYS D 49 -16.33 3.27 -16.56
CA LYS D 49 -17.25 2.16 -16.31
C LYS D 49 -16.77 1.34 -15.15
N ALA D 50 -15.48 0.98 -15.17
CA ALA D 50 -14.93 0.10 -14.16
C ALA D 50 -14.99 0.78 -12.80
N ALA D 51 -14.86 2.09 -12.77
CA ALA D 51 -14.87 2.83 -11.50
C ALA D 51 -16.27 3.29 -11.09
N GLY D 52 -17.23 3.22 -12.01
CA GLY D 52 -18.63 3.50 -11.70
C GLY D 52 -18.94 4.97 -11.59
N VAL D 53 -18.43 5.75 -12.53
CA VAL D 53 -18.64 7.18 -12.52
C VAL D 53 -18.94 7.62 -13.92
N SER D 54 -19.45 8.83 -14.04
CA SER D 54 -19.71 9.38 -15.35
C SER D 54 -18.40 9.91 -15.91
N LYS D 55 -18.32 9.98 -17.23
CA LYS D 55 -17.19 10.64 -17.88
C LYS D 55 -17.02 12.08 -17.38
N ALA D 56 -18.10 12.77 -17.03
CA ALA D 56 -17.97 14.12 -16.48
C ALA D 56 -17.18 14.14 -15.16
N THR D 57 -17.55 13.24 -14.25
CA THR D 57 -16.90 13.13 -12.96
C THR D 57 -15.44 12.83 -13.18
N LEU D 58 -15.18 11.86 -14.05
CA LEU D 58 -13.82 11.40 -14.32
C LEU D 58 -12.93 12.50 -14.83
N TYR D 59 -13.44 13.18 -15.84
CA TYR D 59 -12.66 14.24 -16.46
C TYR D 59 -12.51 15.47 -15.54
N ALA D 60 -13.42 15.62 -14.57
CA ALA D 60 -13.27 16.66 -13.53
C ALA D 60 -12.10 16.37 -12.56
N TYR D 61 -11.87 15.10 -12.27
CA TYR D 61 -10.72 14.71 -11.45
C TYR D 61 -9.44 14.63 -12.27
N PHE D 62 -9.54 14.25 -13.53
CA PHE D 62 -8.33 14.11 -14.40
C PHE D 62 -8.58 14.65 -15.78
N PRO D 63 -7.84 15.68 -16.18
CA PRO D 63 -8.07 16.27 -17.49
C PRO D 63 -7.84 15.29 -18.66
N SER D 64 -6.98 14.29 -18.48
CA SER D 64 -6.70 13.32 -19.55
C SER D 64 -6.11 12.04 -19.00
N LYS D 65 -6.07 11.03 -19.86
CA LYS D 65 -5.53 9.73 -19.50
C LYS D 65 -4.10 9.94 -19.07
N GLU D 66 -3.39 10.74 -19.84
CA GLU D 66 -1.98 11.05 -19.55
C GLU D 66 -1.84 11.70 -18.18
N ALA D 67 -2.68 12.67 -17.86
CA ALA D 67 -2.64 13.26 -16.51
C ALA D 67 -2.89 12.19 -15.44
N LEU D 68 -3.80 11.25 -15.70
CA LEU D 68 -4.11 10.23 -14.72
C LEU D 68 -2.89 9.43 -14.40
N PHE D 69 -2.22 9.00 -15.43
CA PHE D 69 -1.08 8.14 -15.26
C PHE D 69 0.06 8.90 -14.61
N ALA D 70 0.20 10.18 -14.94
CA ALA D 70 1.19 11.03 -14.28
C ALA D 70 0.95 11.10 -12.76
N SER D 71 -0.30 11.27 -12.34
CA SER D 71 -0.59 11.33 -10.92
C SER D 71 -0.30 9.96 -10.25
N LEU D 72 -0.53 8.88 -10.96
CA LEU D 72 -0.21 7.56 -10.47
C LEU D 72 1.31 7.44 -10.25
N ILE D 73 2.06 7.84 -11.27
CA ILE D 73 3.51 7.81 -11.22
C ILE D 73 4.04 8.65 -10.09
N VAL D 74 3.67 9.92 -10.00
CA VAL D 74 4.25 10.76 -8.94
C VAL D 74 3.89 10.23 -7.59
N ALA D 75 2.69 9.71 -7.41
CA ALA D 75 2.26 9.22 -6.12
C ALA D 75 3.08 8.05 -5.71
N GLU D 76 3.24 7.06 -6.59
CA GLU D 76 4.01 5.87 -6.22
C GLU D 76 5.47 6.17 -6.02
N CYS D 77 6.04 7.02 -6.86
CA CYS D 77 7.41 7.37 -6.71
C CYS D 77 7.67 8.19 -5.44
N GLU D 78 6.82 9.16 -5.06
CA GLU D 78 7.05 9.89 -3.78
C GLU D 78 7.03 8.92 -2.61
N SER D 79 6.14 7.94 -2.71
CA SER D 79 5.92 6.99 -1.64
C SER D 79 7.14 6.13 -1.45
N LEU D 80 7.60 5.54 -2.54
CA LEU D 80 8.78 4.70 -2.51
C LEU D 80 9.97 5.42 -1.96
N GLN D 81 10.08 6.71 -2.28
CA GLN D 81 11.19 7.50 -1.81
C GLN D 81 11.21 7.70 -0.30
N ARG D 82 10.05 7.72 0.34
CA ARG D 82 9.96 7.83 1.78
C ARG D 82 10.33 6.55 2.53
N ASP D 83 10.15 5.40 1.88
CA ASP D 83 10.63 4.12 2.43
C ASP D 83 12.14 3.93 2.29
N LEU D 84 12.86 4.89 1.71
CA LEU D 84 14.29 4.71 1.60
C LEU D 84 14.86 5.45 2.77
N PRO D 85 15.87 4.87 3.44
CA PRO D 85 16.44 5.63 4.53
C PRO D 85 17.20 6.84 4.01
N VAL D 86 17.44 7.80 4.90
CA VAL D 86 18.44 8.81 4.64
C VAL D 86 19.70 8.36 5.35
N PRO D 87 20.71 7.94 4.59
CA PRO D 87 21.84 7.28 5.20
C PRO D 87 22.68 8.26 5.96
N LYS D 88 23.20 7.82 7.12
CA LYS D 88 23.93 8.68 8.04
C LYS D 88 25.30 8.08 8.30
N LEU D 89 26.31 8.91 8.16
CA LEU D 89 27.67 8.49 8.40
C LEU D 89 27.88 8.03 9.86
N SER D 90 27.17 8.63 10.81
CA SER D 90 27.29 8.24 12.23
C SER D 90 27.01 6.77 12.47
N ALA D 91 26.22 6.13 11.60
CA ALA D 91 25.92 4.70 11.71
C ALA D 91 27.04 3.74 11.26
N GLY D 92 28.07 4.28 10.64
CA GLY D 92 29.10 3.49 10.00
C GLY D 92 28.88 3.52 8.50
N LEU D 93 29.96 3.67 7.76
CA LEU D 93 29.89 3.71 6.29
C LEU D 93 29.25 2.46 5.70
N SER D 94 29.80 1.29 6.02
CA SER D 94 29.24 0.03 5.56
C SER D 94 27.79 -0.18 5.95
N GLU D 95 27.45 0.03 7.20
CA GLU D 95 26.08 -0.25 7.66
C GLU D 95 25.10 0.68 7.00
N ALA D 96 25.54 1.88 6.70
CA ALA D 96 24.65 2.85 6.10
C ALA D 96 24.32 2.45 4.68
N LEU D 97 25.35 2.06 3.93
CA LEU D 97 25.18 1.62 2.58
C LEU D 97 24.43 0.30 2.53
N ARG D 98 24.77 -0.58 3.45
CA ARG D 98 24.14 -1.88 3.49
C ARG D 98 22.67 -1.69 3.71
N ASP D 99 22.30 -0.77 4.58
CA ASP D 99 20.92 -0.54 4.89
C ASP D 99 20.21 0.09 3.68
N PHE D 100 20.86 1.02 3.01
CA PHE D 100 20.26 1.68 1.84
C PHE D 100 20.03 0.66 0.73
N ALA D 101 21.06 -0.14 0.47
CA ALA D 101 20.93 -1.22 -0.48
C ALA D 101 19.77 -2.14 -0.14
N ARG D 102 19.66 -2.56 1.12
CA ARG D 102 18.59 -3.47 1.51
C ARG D 102 17.24 -2.87 1.19
N GLN D 103 17.04 -1.58 1.45
CA GLN D 103 15.72 -1.01 1.18
C GLN D 103 15.48 -0.89 -0.30
N TYR D 104 16.53 -0.62 -1.03
CA TYR D 104 16.45 -0.47 -2.50
C TYR D 104 15.98 -1.74 -3.13
N LEU D 105 16.53 -2.87 -2.71
CA LEU D 105 16.15 -4.12 -3.31
C LEU D 105 14.76 -4.53 -2.87
N HIS D 106 14.34 -4.18 -1.65
CA HIS D 106 13.03 -4.58 -1.16
C HIS D 106 12.03 -3.87 -2.00
N THR D 107 12.35 -2.66 -2.43
CA THR D 107 11.47 -1.89 -3.33
C THR D 107 11.36 -2.41 -4.78
N PHE D 108 12.34 -3.15 -5.28
CA PHE D 108 12.09 -3.83 -6.55
C PHE D 108 11.07 -4.88 -6.33
N ILE D 109 11.34 -5.69 -5.34
CA ILE D 109 10.66 -6.92 -5.20
C ILE D 109 9.23 -6.66 -4.80
N HIS D 110 8.98 -5.69 -3.94
CA HIS D 110 7.64 -5.51 -3.38
C HIS D 110 6.90 -4.24 -3.87
N ARG D 111 7.37 -3.56 -4.90
CA ARG D 111 6.70 -2.33 -5.32
C ARG D 111 6.53 -2.28 -6.82
N LYS D 112 5.99 -1.19 -7.30
CA LYS D 112 5.49 -1.16 -8.67
C LYS D 112 6.52 -0.80 -9.77
N ASP D 113 7.78 -0.52 -9.42
CA ASP D 113 8.76 -0.13 -10.43
C ASP D 113 8.82 -0.98 -11.72
N VAL D 114 8.90 -2.29 -11.61
CA VAL D 114 8.97 -3.12 -12.82
C VAL D 114 7.68 -3.02 -13.62
N ALA D 115 6.57 -3.06 -12.92
CA ALA D 115 5.25 -2.95 -13.55
C ALA D 115 5.15 -1.65 -14.34
N PHE D 116 5.60 -0.56 -13.72
CA PHE D 116 5.62 0.72 -14.38
C PHE D 116 6.43 0.67 -15.66
N VAL D 117 7.60 0.07 -15.58
CA VAL D 117 8.48 0.06 -16.72
C VAL D 117 7.90 -0.80 -17.82
N ARG D 118 7.26 -1.87 -17.42
CA ARG D 118 6.63 -2.76 -18.38
C ARG D 118 5.56 -1.98 -19.12
N ILE D 119 4.72 -1.27 -18.36
CA ILE D 119 3.66 -0.49 -18.97
C ILE D 119 4.17 0.58 -19.94
N ILE D 120 5.22 1.29 -19.54
CA ILE D 120 5.72 2.39 -20.35
C ILE D 120 6.45 1.87 -21.57
N ALA D 121 7.21 0.81 -21.39
CA ALA D 121 7.96 0.22 -22.48
C ALA D 121 7.04 -0.31 -23.57
N ASN D 122 5.87 -0.77 -23.16
CA ASN D 122 4.86 -1.27 -24.08
C ASN D 122 4.25 -0.18 -24.96
N GLU D 123 4.49 1.08 -24.63
CA GLU D 123 4.03 2.19 -25.44
C GLU D 123 4.97 2.50 -26.58
N SER D 124 6.09 1.80 -26.66
CA SER D 124 6.93 1.88 -27.85
C SER D 124 7.28 3.34 -28.19
N GLY D 125 7.55 4.13 -27.15
CA GLY D 125 8.06 5.49 -27.33
C GLY D 125 7.08 6.58 -27.67
N ARG D 126 5.78 6.34 -27.60
CA ARG D 126 4.83 7.41 -27.96
C ARG D 126 4.46 8.30 -26.77
N PHE D 127 5.01 8.07 -25.59
CA PHE D 127 4.74 8.98 -24.46
C PHE D 127 6.00 9.37 -23.71
N PRO D 128 6.89 10.08 -24.40
CA PRO D 128 8.19 10.41 -23.81
C PRO D 128 8.10 11.26 -22.55
N VAL D 129 7.08 12.08 -22.45
CA VAL D 129 7.00 12.91 -21.29
C VAL D 129 6.71 12.10 -20.05
N LEU D 130 5.81 11.14 -20.16
CA LEU D 130 5.58 10.22 -19.05
C LEU D 130 6.76 9.33 -18.73
N ALA D 131 7.45 8.88 -19.76
CA ALA D 131 8.59 8.03 -19.57
C ALA D 131 9.62 8.79 -18.80
N ARG D 132 9.84 10.05 -19.16
CA ARG D 132 10.84 10.80 -18.42
C ARG D 132 10.40 11.12 -17.01
N LEU D 133 9.10 11.38 -16.84
CA LEU D 133 8.57 11.71 -15.56
C LEU D 133 8.82 10.57 -14.60
N PHE D 134 8.61 9.34 -15.06
CA PHE D 134 8.88 8.18 -14.24
C PHE D 134 10.36 8.07 -13.92
N TYR D 135 11.19 8.17 -14.95
CA TYR D 135 12.60 8.07 -14.72
C TYR D 135 13.09 9.06 -13.68
N GLU D 136 12.69 10.32 -13.80
CA GLU D 136 13.21 11.38 -12.90
C GLU D 136 12.63 11.32 -11.50
N SER D 137 11.43 10.78 -11.37
CA SER D 137 10.77 10.69 -10.10
C SER D 137 11.20 9.49 -9.28
N GLY D 138 11.67 8.45 -9.97
CA GLY D 138 11.99 7.20 -9.32
C GLY D 138 13.47 6.97 -9.34
N PRO D 139 13.92 6.20 -10.32
CA PRO D 139 15.33 5.81 -10.45
C PRO D 139 16.28 6.95 -10.28
N GLU D 140 16.08 8.06 -10.98
CA GLU D 140 17.03 9.15 -10.87
C GLU D 140 16.98 9.74 -9.47
N ALA D 141 15.80 9.76 -8.86
CA ALA D 141 15.67 10.32 -7.52
C ALA D 141 16.44 9.51 -6.53
N THR D 142 16.35 8.19 -6.66
CA THR D 142 17.15 7.29 -5.83
C THR D 142 18.65 7.55 -6.00
N ILE D 143 19.10 7.70 -7.22
CA ILE D 143 20.50 8.04 -7.44
C ILE D 143 20.91 9.31 -6.72
N ARG D 144 20.12 10.36 -6.88
CA ARG D 144 20.41 11.65 -6.24
C ARG D 144 20.52 11.54 -4.72
N ARG D 145 19.62 10.81 -4.07
CA ARG D 145 19.66 10.67 -2.62
C ARG D 145 20.93 10.00 -2.18
N LEU D 146 21.30 8.95 -2.87
CA LEU D 146 22.50 8.25 -2.53
C LEU D 146 23.71 9.11 -2.81
N ALA D 147 23.67 9.82 -3.92
CA ALA D 147 24.77 10.68 -4.29
C ALA D 147 25.04 11.68 -3.16
N GLN D 148 24.00 12.24 -2.55
CA GLN D 148 24.24 13.23 -1.51
C GLN D 148 24.92 12.58 -0.34
N PHE D 149 24.53 11.38 -0.01
CA PHE D 149 25.24 10.70 1.03
C PHE D 149 26.68 10.45 0.63
N LEU D 150 26.93 10.07 -0.61
CA LEU D 150 28.30 9.81 -1.02
C LEU D 150 29.15 11.10 -1.00
N GLU D 151 28.56 12.27 -1.24
CA GLU D 151 29.31 13.52 -1.09
C GLU D 151 29.82 13.71 0.33
N GLU D 152 28.96 13.41 1.30
CA GLU D 152 29.31 13.54 2.70
C GLU D 152 30.46 12.60 3.02
N ALA D 153 30.34 11.35 2.58
CA ALA D 153 31.40 10.39 2.82
C ALA D 153 32.73 10.83 2.19
N ARG D 154 32.66 11.42 1.00
CA ARG D 154 33.87 11.88 0.37
C ARG D 154 34.46 13.06 1.16
N ALA D 155 33.60 13.99 1.58
CA ALA D 155 34.02 15.13 2.34
C ALA D 155 34.66 14.67 3.63
N ALA D 156 34.20 13.56 4.18
CA ALA D 156 34.83 12.99 5.39
C ALA D 156 36.06 12.12 5.08
N ARG D 157 36.48 12.08 3.82
CA ARG D 157 37.70 11.39 3.38
C ARG D 157 37.65 9.89 3.52
N VAL D 158 36.46 9.30 3.61
CA VAL D 158 36.34 7.82 3.75
C VAL D 158 35.99 7.10 2.43
N LEU D 159 35.66 7.88 1.39
CA LEU D 159 35.59 7.40 0.03
C LEU D 159 36.21 8.41 -0.91
N GLU D 160 36.68 7.91 -2.05
CA GLU D 160 37.16 8.78 -3.09
C GLU D 160 36.60 8.36 -4.45
N PHE D 161 36.24 9.37 -5.22
CA PHE D 161 35.69 9.20 -6.54
C PHE D 161 35.53 10.61 -7.10
N ASP D 162 35.41 10.74 -8.42
CA ASP D 162 35.31 12.06 -9.05
C ASP D 162 33.90 12.63 -9.07
N ASP D 163 32.89 11.82 -9.39
CA ASP D 163 31.50 12.30 -9.51
C ASP D 163 30.54 11.45 -8.65
N PRO D 164 29.81 12.10 -7.75
CA PRO D 164 28.91 11.39 -6.84
C PRO D 164 27.73 10.67 -7.50
N GLU D 166 27.69 9.47 -10.71
CA GLU D 166 28.34 8.35 -11.33
C GLU D 166 28.57 7.25 -10.27
N ALA D 167 29.07 7.62 -9.11
CA ALA D 167 29.37 6.62 -8.09
C ALA D 167 28.11 6.02 -7.53
N ALA D 168 27.08 6.83 -7.34
CA ALA D 168 25.82 6.32 -6.82
C ALA D 168 25.26 5.30 -7.79
N ASN D 169 25.28 5.65 -9.06
CA ASN D 169 24.77 4.75 -10.08
C ASN D 169 25.58 3.43 -10.15
N GLN D 170 26.87 3.51 -9.87
CA GLN D 170 27.69 2.32 -9.91
C GLN D 170 27.36 1.43 -8.77
N PHE D 171 27.18 2.02 -7.61
CA PHE D 171 26.81 1.26 -6.41
C PHE D 171 25.50 0.50 -6.65
N LEU D 172 24.53 1.19 -7.21
CA LEU D 172 23.22 0.59 -7.46
C LEU D 172 23.28 -0.45 -8.56
N SER D 173 24.00 -0.19 -9.63
CA SER D 173 24.20 -1.23 -10.63
C SER D 173 24.83 -2.50 -10.06
N LEU D 174 25.78 -2.36 -9.16
CA LEU D 174 26.45 -3.53 -8.59
C LEU D 174 25.50 -4.37 -7.76
N VAL D 175 24.73 -3.70 -6.93
CA VAL D 175 23.87 -4.31 -5.95
C VAL D 175 22.63 -4.90 -6.61
N ARG D 176 22.12 -4.18 -7.59
CA ARG D 176 20.96 -4.60 -8.36
C ARG D 176 21.32 -5.76 -9.25
N GLY D 177 22.47 -5.65 -9.87
CA GLY D 177 22.92 -6.59 -10.86
C GLY D 177 21.88 -6.90 -11.90
N GLU D 178 21.44 -8.13 -11.88
CA GLU D 178 20.70 -8.75 -12.97
C GLU D 178 19.23 -9.00 -12.61
N LEU D 179 18.87 -8.51 -11.45
CA LEU D 179 17.64 -8.86 -10.85
C LEU D 179 16.39 -8.38 -11.59
N PRO D 180 16.42 -7.18 -12.15
CA PRO D 180 15.25 -6.75 -12.93
C PRO D 180 14.86 -7.73 -14.04
N LEU D 181 15.87 -8.24 -14.74
CA LEU D 181 15.63 -9.27 -15.74
C LEU D 181 15.06 -10.53 -15.13
N LEU D 182 15.69 -11.01 -14.07
CA LEU D 182 15.25 -12.23 -13.42
C LEU D 182 13.80 -12.11 -12.98
N ILE D 183 13.43 -10.92 -12.51
CA ILE D 183 12.10 -10.72 -11.99
C ILE D 183 11.09 -10.80 -13.11
N VAL D 184 11.37 -10.04 -14.14
CA VAL D 184 10.58 -10.05 -15.34
C VAL D 184 10.37 -11.46 -15.94
N LEU D 185 11.41 -12.29 -15.93
CA LEU D 185 11.29 -13.65 -16.41
C LEU D 185 10.57 -14.58 -15.43
N GLY D 186 10.43 -14.12 -14.19
CA GLY D 186 9.76 -14.89 -13.16
C GLY D 186 10.67 -15.90 -12.52
N LEU D 187 11.95 -15.60 -12.49
CA LEU D 187 12.93 -16.52 -11.96
C LEU D 187 13.58 -16.03 -10.70
N SER D 188 13.19 -14.84 -10.25
CA SER D 188 13.78 -14.33 -9.05
C SER D 188 13.06 -14.88 -7.88
N ASP D 189 13.78 -15.62 -7.04
CA ASP D 189 13.23 -16.07 -5.78
C ASP D 189 14.23 -15.81 -4.67
N LEU D 190 14.04 -14.68 -4.00
CA LEU D 190 15.07 -14.22 -3.13
C LEU D 190 14.68 -14.24 -1.68
N THR D 191 15.22 -15.23 -0.99
CA THR D 191 15.19 -15.27 0.44
C THR D 191 15.96 -14.05 0.98
N GLU D 192 15.60 -13.63 2.19
CA GLU D 192 16.34 -12.61 2.94
C GLU D 192 17.85 -12.88 2.92
N GLU D 193 18.23 -14.16 3.03
CA GLU D 193 19.67 -14.55 3.09
C GLU D 193 20.36 -14.34 1.73
N ALA D 194 19.66 -14.67 0.66
CA ALA D 194 20.17 -14.46 -0.71
C ALA D 194 20.34 -12.97 -1.02
N ILE D 195 19.44 -12.15 -0.50
CA ILE D 195 19.54 -10.70 -0.61
C ILE D 195 20.74 -10.16 0.14
N GLU D 196 20.98 -10.62 1.37
CA GLU D 196 22.17 -10.18 2.09
C GLU D 196 23.43 -10.48 1.29
N GLN D 197 23.47 -11.62 0.62
CA GLN D 197 24.65 -12.02 -0.14
C GLN D 197 24.86 -11.15 -1.34
N GLU D 198 23.75 -10.80 -2.00
CA GLU D 198 23.79 -9.89 -3.15
C GLU D 198 24.37 -8.55 -2.76
N ILE D 199 23.93 -8.06 -1.62
CA ILE D 199 24.34 -6.78 -1.13
C ILE D 199 25.78 -6.81 -0.72
N GLU D 200 26.16 -7.84 0.01
CA GLU D 200 27.52 -7.90 0.56
C GLU D 200 28.53 -7.96 -0.58
N ALA D 201 28.20 -8.71 -1.63
CA ALA D 201 29.08 -8.82 -2.78
C ALA D 201 29.26 -7.46 -3.45
N GLY D 202 28.15 -6.73 -3.63
CA GLY D 202 28.16 -5.44 -4.34
C GLY D 202 28.92 -4.38 -3.56
N LEU D 203 28.69 -4.40 -2.25
CA LEU D 203 29.29 -3.45 -1.35
C LEU D 203 30.77 -3.68 -1.22
N LYS D 204 31.16 -4.94 -1.06
CA LYS D 204 32.55 -5.29 -0.91
C LYS D 204 33.31 -4.71 -2.10
N PHE D 205 32.74 -4.85 -3.28
CA PHE D 205 33.38 -4.43 -4.51
C PHE D 205 33.42 -2.91 -4.62
N PHE D 206 32.30 -2.27 -4.32
CA PHE D 206 32.22 -0.84 -4.34
C PHE D 206 33.28 -0.22 -3.45
N LEU D 207 33.49 -0.81 -2.28
CA LEU D 207 34.48 -0.31 -1.33
C LEU D 207 35.91 -0.63 -1.78
N LYS D 208 36.17 -1.81 -2.33
CA LYS D 208 37.46 -2.05 -2.94
C LYS D 208 37.81 -0.91 -3.88
N ALA D 209 36.87 -0.44 -4.69
CA ALA D 209 37.19 0.61 -5.66
C ALA D 209 37.28 2.01 -5.09
N CYS D 210 36.59 2.31 -4.00
CA CYS D 210 36.48 3.71 -3.55
C CYS D 210 37.11 4.05 -2.20
N GLN D 211 37.45 3.05 -1.40
CA GLN D 211 38.10 3.31 -0.13
C GLN D 211 39.52 3.69 -0.43
N PRO D 212 40.05 4.69 0.31
CA PRO D 212 41.48 4.98 0.19
C PRO D 212 42.31 3.79 0.73
N ARG D 213 43.36 3.43 -0.02
CA ARG D 213 43.96 2.07 0.07
C ARG D 213 44.60 1.77 -1.27
#